data_5B36
#
_entry.id   5B36
#
_cell.length_a   74.181
_cell.length_b   74.181
_cell.length_c   278.994
_cell.angle_alpha   90.00
_cell.angle_beta   90.00
_cell.angle_gamma   90.00
#
_symmetry.space_group_name_H-M   'P 43 21 2'
#
loop_
_entity.id
_entity.type
_entity.pdbx_description
1 polymer 'Protein CysO'
2 non-polymer "PYRIDOXAL-5'-PHOSPHATE"
3 non-polymer CYSTEINE
4 non-polymer (4S)-2-METHYL-2,4-PENTANEDIOL
5 water water
#
_entity_poly.entity_id   1
_entity_poly.type   'polypeptide(L)'
_entity_poly.pdbx_seq_one_letter_code
;MALADISGYLDVLDSVRGFSYLENAREVLRSGEARCLGNPRSEPEYVKALYVIGASRIPVGDGCSHTLEELGVFDISVPG
EMVFPSPLDFFERGKPTPLVRSRLQLPNGVRVWLKLEWYNPFSLSVKDRPAVEIISRLSRRVEKGSLVADATSSNFGVAL
SAVARLYGYRARVYLPGAAEEFGKLLPRLLGAQVIVDPEAPSTVHLLPRVMKDSKNEGFVHVNQFYNDANFEAHMRGTAR
EIFVQSRRGGLALRGVAGSLGTSGHMSAAAFYLQSVDPSIRAVLVQPAQGDSIPGIRRVETGMLWINMLDISYTLAEVTL
EEAMEAVVEVARSDGLVIGPSGGAAVKALAKKAAEGDLEPGDYVVVVPDTGFKYLSLVQNALEGAGDSV
;
_entity_poly.pdbx_strand_id   A,B
#
# COMPACT_ATOMS: atom_id res chain seq x y z
N ALA A 2 31.40 -23.91 0.63
CA ALA A 2 31.58 -22.51 0.13
C ALA A 2 30.22 -21.98 -0.31
N LEU A 3 29.91 -20.68 -0.15
CA LEU A 3 28.64 -20.17 -0.72
C LEU A 3 28.81 -19.41 -2.05
N ALA A 4 27.87 -19.61 -2.97
CA ALA A 4 27.81 -18.85 -4.25
C ALA A 4 26.43 -18.22 -4.43
N ASP A 5 26.42 -17.09 -5.11
CA ASP A 5 25.23 -16.31 -5.42
C ASP A 5 24.37 -17.18 -6.31
N ILE A 6 23.15 -17.48 -5.87
CA ILE A 6 22.28 -18.34 -6.69
C ILE A 6 21.88 -17.70 -8.03
N SER A 7 21.87 -16.38 -8.12
CA SER A 7 21.37 -15.72 -9.34
C SER A 7 22.15 -16.18 -10.60
N GLY A 8 23.45 -16.48 -10.42
CA GLY A 8 24.27 -17.09 -11.46
C GLY A 8 23.82 -18.45 -11.98
N TYR A 9 22.93 -19.12 -11.25
CA TYR A 9 22.55 -20.49 -11.64
C TYR A 9 21.11 -20.60 -12.12
N LEU A 10 20.42 -19.49 -12.24
CA LEU A 10 18.98 -19.52 -12.55
C LEU A 10 18.55 -20.00 -13.94
N ASP A 11 19.51 -20.45 -14.77
CA ASP A 11 19.14 -21.21 -15.97
C ASP A 11 18.43 -22.54 -15.72
N VAL A 12 18.59 -23.11 -14.53
CA VAL A 12 17.75 -24.29 -14.18
C VAL A 12 16.22 -24.04 -14.19
N LEU A 13 15.81 -22.79 -14.02
CA LEU A 13 14.40 -22.43 -14.17
C LEU A 13 13.91 -22.67 -15.58
N ASP A 14 14.80 -22.55 -16.54
CA ASP A 14 14.47 -22.74 -17.93
C ASP A 14 14.61 -24.22 -18.29
N SER A 15 14.98 -25.10 -17.36
CA SER A 15 15.26 -26.49 -17.78
C SER A 15 14.77 -27.64 -16.92
N VAL A 16 14.67 -27.43 -15.60
CA VAL A 16 14.01 -28.40 -14.73
C VAL A 16 12.49 -28.49 -15.08
N ARG A 17 11.92 -29.67 -15.05
CA ARG A 17 10.49 -29.83 -15.37
C ARG A 17 9.89 -30.75 -14.33
N GLY A 18 8.57 -30.68 -14.13
CA GLY A 18 7.87 -31.63 -13.23
C GLY A 18 8.01 -31.25 -11.75
N PHE A 19 7.40 -32.05 -10.88
CA PHE A 19 7.33 -31.68 -9.46
C PHE A 19 8.34 -32.37 -8.62
N SER A 20 9.23 -33.16 -9.23
CA SER A 20 10.01 -34.07 -8.39
C SER A 20 11.05 -33.28 -7.55
N TYR A 21 11.53 -32.13 -8.05
CA TYR A 21 12.44 -31.27 -7.29
C TYR A 21 11.83 -30.82 -5.97
N LEU A 22 10.51 -30.78 -5.89
CA LEU A 22 9.85 -30.28 -4.70
C LEU A 22 10.17 -31.16 -3.49
N GLU A 23 10.51 -32.41 -3.76
CA GLU A 23 10.85 -33.35 -2.70
C GLU A 23 12.12 -32.87 -1.99
N ASN A 24 13.09 -32.34 -2.75
CA ASN A 24 14.21 -31.58 -2.15
C ASN A 24 13.78 -30.35 -1.34
N ALA A 25 12.93 -29.51 -1.95
CA ALA A 25 12.37 -28.31 -1.30
C ALA A 25 11.86 -28.74 0.08
N ARG A 26 11.03 -29.80 0.08
CA ARG A 26 10.40 -30.24 1.32
C ARG A 26 11.40 -30.72 2.39
N GLU A 27 12.39 -31.49 1.96
CA GLU A 27 13.42 -31.99 2.89
C GLU A 27 14.30 -30.89 3.48
N VAL A 28 14.75 -29.95 2.65
CA VAL A 28 15.54 -28.81 3.17
C VAL A 28 14.77 -27.94 4.18
N LEU A 29 13.49 -27.71 3.89
CA LEU A 29 12.64 -26.97 4.83
C LEU A 29 12.40 -27.81 6.12
N ARG A 30 12.07 -29.08 5.99
CA ARG A 30 11.87 -29.94 7.18
C ARG A 30 13.14 -29.97 8.05
N SER A 31 14.30 -30.15 7.42
CA SER A 31 15.57 -30.25 8.16
C SER A 31 16.12 -28.86 8.59
N GLY A 32 15.71 -27.81 7.91
CA GLY A 32 16.32 -26.49 8.16
C GLY A 32 17.74 -26.35 7.62
N GLU A 33 18.17 -27.27 6.77
CA GLU A 33 19.52 -27.14 6.17
C GLU A 33 19.65 -27.76 4.79
N ALA A 34 20.72 -27.41 4.11
CA ALA A 34 20.95 -27.96 2.79
C ALA A 34 22.39 -28.40 2.67
N ARG A 35 22.57 -29.55 2.04
CA ARG A 35 23.91 -30.14 1.83
C ARG A 35 24.69 -29.45 0.74
N CYS A 36 26.01 -29.46 0.88
CA CYS A 36 26.91 -28.91 -0.13
C CYS A 36 26.74 -29.57 -1.51
N LEU A 37 26.83 -28.82 -2.61
CA LEU A 37 26.75 -29.43 -3.96
C LEU A 37 28.10 -29.49 -4.66
N GLY A 38 28.69 -30.70 -4.71
CA GLY A 38 30.03 -30.87 -5.28
C GLY A 38 30.16 -30.06 -6.55
N ASN A 39 29.14 -30.20 -7.38
CA ASN A 39 29.11 -29.63 -8.69
C ASN A 39 27.63 -29.22 -8.85
N PRO A 40 27.32 -27.95 -8.56
CA PRO A 40 25.93 -27.49 -8.53
C PRO A 40 25.25 -27.69 -9.88
N ARG A 41 25.97 -27.34 -10.95
CA ARG A 41 25.44 -27.43 -12.30
C ARG A 41 24.97 -28.83 -12.67
N SER A 42 25.42 -29.83 -11.91
CA SER A 42 25.00 -31.22 -12.12
C SER A 42 23.86 -31.62 -11.21
N GLU A 43 23.40 -30.71 -10.35
CA GLU A 43 22.15 -30.99 -9.63
C GLU A 43 21.07 -29.97 -9.93
N PRO A 44 20.60 -29.89 -11.19
CA PRO A 44 19.67 -28.78 -11.47
C PRO A 44 18.39 -28.82 -10.59
N GLU A 45 17.86 -29.97 -10.25
CA GLU A 45 16.69 -30.07 -9.37
C GLU A 45 16.90 -29.54 -7.96
N TYR A 46 18.04 -29.82 -7.37
CA TYR A 46 18.33 -29.25 -6.05
C TYR A 46 18.49 -27.70 -6.02
N VAL A 47 19.22 -27.14 -6.98
CA VAL A 47 19.24 -25.70 -7.20
C VAL A 47 17.88 -25.02 -7.31
N LYS A 48 17.01 -25.54 -8.17
CA LYS A 48 15.64 -25.00 -8.29
C LYS A 48 14.91 -25.16 -6.93
N ALA A 49 15.12 -26.27 -6.21
CA ALA A 49 14.51 -26.40 -4.87
C ALA A 49 14.93 -25.24 -3.95
N LEU A 50 16.23 -24.97 -3.83
CA LEU A 50 16.71 -23.78 -3.10
C LEU A 50 16.09 -22.40 -3.55
N TYR A 51 15.99 -22.18 -4.85
CA TYR A 51 15.39 -20.96 -5.40
C TYR A 51 13.99 -20.79 -4.90
N VAL A 52 13.23 -21.86 -5.06
CA VAL A 52 11.80 -21.83 -4.78
C VAL A 52 11.48 -21.60 -3.29
N ILE A 53 12.31 -22.10 -2.36
CA ILE A 53 12.15 -21.76 -0.94
C ILE A 53 12.70 -20.41 -0.49
N GLY A 54 13.40 -19.70 -1.40
CA GLY A 54 13.84 -18.36 -1.12
C GLY A 54 15.30 -18.22 -0.77
N ALA A 55 16.11 -19.19 -1.10
CA ALA A 55 17.55 -19.03 -0.83
C ALA A 55 18.13 -17.97 -1.83
N SER A 56 19.04 -17.10 -1.37
CA SER A 56 19.79 -16.25 -2.32
C SER A 56 21.23 -16.73 -2.65
N ARG A 57 21.71 -17.69 -1.85
CA ARG A 57 23.10 -18.22 -1.93
C ARG A 57 22.94 -19.71 -1.94
N ILE A 58 23.86 -20.44 -2.58
CA ILE A 58 23.79 -21.91 -2.56
C ILE A 58 25.11 -22.46 -2.03
N PRO A 59 25.05 -23.59 -1.31
CA PRO A 59 26.29 -24.15 -0.83
C PRO A 59 26.99 -24.99 -1.91
N VAL A 60 28.24 -24.69 -2.15
CA VAL A 60 28.86 -25.14 -3.39
C VAL A 60 30.17 -25.86 -3.10
N GLY A 61 30.62 -26.71 -4.02
CA GLY A 61 31.93 -27.35 -3.90
C GLY A 61 31.91 -28.52 -2.94
N ASP A 62 33.06 -28.79 -2.34
CA ASP A 62 33.14 -29.85 -1.32
C ASP A 62 33.18 -29.15 0.05
N GLY A 63 32.11 -29.31 0.82
CA GLY A 63 31.94 -28.52 2.05
C GLY A 63 30.85 -29.02 2.99
N CYS A 64 30.46 -28.15 3.92
CA CYS A 64 29.48 -28.60 4.91
C CYS A 64 28.03 -28.13 4.61
N SER A 65 27.08 -28.62 5.39
CA SER A 65 25.71 -28.25 5.20
C SER A 65 25.53 -26.84 5.73
N HIS A 66 24.48 -26.17 5.28
CA HIS A 66 24.24 -24.76 5.62
C HIS A 66 22.79 -24.56 5.98
N THR A 67 22.47 -23.66 6.91
CA THR A 67 21.10 -23.52 7.38
C THR A 67 20.26 -22.60 6.46
N LEU A 68 18.94 -22.65 6.63
CA LEU A 68 18.03 -21.67 5.92
C LEU A 68 18.56 -20.21 6.04
N GLU A 69 18.92 -19.84 7.26
CA GLU A 69 19.44 -18.50 7.57
C GLU A 69 20.66 -18.21 6.75
N GLU A 70 21.56 -19.19 6.69
CA GLU A 70 22.84 -19.03 6.06
C GLU A 70 22.68 -18.96 4.55
N LEU A 71 21.62 -19.58 4.02
CA LEU A 71 21.28 -19.47 2.59
C LEU A 71 20.48 -18.23 2.15
N GLY A 72 20.15 -17.36 3.09
CA GLY A 72 19.48 -16.12 2.76
C GLY A 72 17.96 -16.13 2.80
N VAL A 73 17.35 -17.26 3.16
CA VAL A 73 15.91 -17.35 3.36
C VAL A 73 15.35 -16.27 4.29
N PHE A 74 16.09 -15.88 5.30
CA PHE A 74 15.62 -14.87 6.22
C PHE A 74 16.23 -13.50 5.96
N ASP A 75 16.96 -13.28 4.88
CA ASP A 75 17.54 -11.93 4.68
C ASP A 75 16.47 -10.83 4.49
N ILE A 76 16.71 -9.68 5.10
CA ILE A 76 15.85 -8.51 4.93
C ILE A 76 16.23 -7.88 3.56
N SER A 77 15.24 -7.70 2.75
CA SER A 77 15.40 -7.11 1.44
C SER A 77 15.02 -5.63 1.43
N VAL A 78 14.07 -5.22 2.29
CA VAL A 78 13.60 -3.81 2.30
C VAL A 78 14.58 -2.74 2.80
N PRO A 79 14.83 -1.65 1.99
CA PRO A 79 15.64 -0.54 2.57
C PRO A 79 14.78 0.15 3.63
N GLY A 80 15.35 0.41 4.80
CA GLY A 80 14.55 0.96 5.86
C GLY A 80 13.79 2.25 5.52
N GLU A 81 14.37 3.08 4.66
CA GLU A 81 13.82 4.38 4.36
C GLU A 81 12.80 4.30 3.25
N MET A 82 12.61 3.11 2.66
CA MET A 82 11.55 2.90 1.64
C MET A 82 11.77 3.83 0.37
N VAL A 83 12.99 3.81 -0.14
CA VAL A 83 13.35 4.52 -1.37
C VAL A 83 13.81 3.50 -2.42
N PHE A 84 13.25 3.57 -3.63
CA PHE A 84 13.48 2.53 -4.61
C PHE A 84 13.76 3.22 -5.94
N PRO A 85 14.78 2.71 -6.69
CA PRO A 85 15.25 3.27 -7.97
C PRO A 85 14.37 2.91 -9.15
N SER A 86 13.43 1.99 -8.98
CA SER A 86 12.50 1.73 -10.08
C SER A 86 11.27 0.96 -9.58
N PRO A 87 10.18 0.95 -10.36
CA PRO A 87 8.97 0.21 -9.96
C PRO A 87 9.17 -1.33 -9.75
N LEU A 88 9.95 -1.97 -10.62
CA LEU A 88 10.13 -3.42 -10.51
C LEU A 88 11.05 -3.75 -9.27
N ASP A 89 12.01 -2.87 -9.02
CA ASP A 89 12.88 -3.03 -7.83
C ASP A 89 12.06 -2.83 -6.51
N PHE A 90 11.15 -1.86 -6.54
CA PHE A 90 10.15 -1.64 -5.55
C PHE A 90 9.27 -2.91 -5.36
N PHE A 91 8.85 -3.55 -6.45
CA PHE A 91 8.04 -4.75 -6.28
C PHE A 91 8.86 -5.89 -5.60
N GLU A 92 10.12 -5.97 -6.02
CA GLU A 92 10.98 -7.06 -5.61
C GLU A 92 11.57 -6.90 -4.19
N ARG A 93 12.04 -5.72 -3.82
CA ARG A 93 12.68 -5.50 -2.50
C ARG A 93 11.72 -4.94 -1.46
N GLY A 94 10.62 -4.33 -1.94
CA GLY A 94 9.58 -3.79 -1.07
C GLY A 94 8.71 -4.95 -0.60
N LYS A 95 9.31 -5.85 0.19
CA LYS A 95 8.64 -7.05 0.68
C LYS A 95 9.23 -7.29 2.07
N PRO A 96 8.53 -8.02 2.95
CA PRO A 96 7.21 -8.67 2.78
C PRO A 96 6.07 -7.67 2.68
N THR A 97 4.92 -8.14 2.20
CA THR A 97 3.74 -7.35 2.33
C THR A 97 3.42 -7.41 3.86
N PRO A 98 2.62 -6.45 4.37
CA PRO A 98 2.40 -6.31 5.81
C PRO A 98 1.62 -7.49 6.40
N LEU A 99 1.94 -7.82 7.63
CA LEU A 99 1.11 -8.75 8.35
C LEU A 99 0.69 -8.05 9.66
N VAL A 100 -0.62 -7.89 9.82
CA VAL A 100 -1.17 -7.06 10.84
C VAL A 100 -2.19 -7.83 11.73
N ARG A 101 -2.00 -7.83 13.05
N ARG A 101 -2.00 -7.91 13.06
CA ARG A 101 -2.99 -8.43 13.99
CA ARG A 101 -3.01 -8.61 13.94
C ARG A 101 -4.30 -7.67 13.87
C ARG A 101 -4.28 -7.79 14.04
N SER A 102 -5.39 -8.41 13.69
CA SER A 102 -6.71 -7.80 13.65
C SER A 102 -7.25 -7.68 15.10
N ARG A 103 -8.24 -6.82 15.30
CA ARG A 103 -8.94 -6.73 16.59
C ARG A 103 -10.19 -7.59 16.62
N LEU A 104 -10.52 -8.17 15.47
CA LEU A 104 -11.69 -8.99 15.34
C LEU A 104 -11.51 -10.25 16.24
N GLN A 105 -12.45 -10.49 17.11
CA GLN A 105 -12.34 -11.61 18.09
C GLN A 105 -12.92 -12.86 17.51
N LEU A 106 -12.24 -14.00 17.64
CA LEU A 106 -12.78 -15.27 17.14
C LEU A 106 -12.80 -16.37 18.20
N PRO A 107 -13.72 -17.35 18.03
CA PRO A 107 -13.91 -18.36 19.08
C PRO A 107 -12.64 -19.14 19.37
N ASN A 108 -12.62 -19.70 20.57
CA ASN A 108 -11.78 -20.82 20.86
C ASN A 108 -10.29 -20.51 20.79
N GLY A 109 -9.89 -19.26 21.04
CA GLY A 109 -8.47 -18.89 21.09
C GLY A 109 -7.79 -18.71 19.70
N VAL A 110 -8.59 -18.59 18.66
CA VAL A 110 -8.09 -18.44 17.34
C VAL A 110 -7.83 -16.94 17.11
N ARG A 111 -6.56 -16.59 17.04
CA ARG A 111 -6.17 -15.15 16.87
C ARG A 111 -5.83 -14.84 15.40
N VAL A 112 -6.44 -13.81 14.84
CA VAL A 112 -6.38 -13.54 13.42
C VAL A 112 -5.30 -12.51 13.03
N TRP A 113 -4.43 -12.89 12.08
CA TRP A 113 -3.54 -11.89 11.47
C TRP A 113 -3.89 -11.80 9.98
N LEU A 114 -3.83 -10.62 9.40
CA LEU A 114 -4.20 -10.40 8.02
C LEU A 114 -2.96 -10.06 7.25
N LYS A 115 -2.67 -10.85 6.23
CA LYS A 115 -1.59 -10.54 5.31
C LYS A 115 -2.18 -9.74 4.11
N LEU A 116 -1.66 -8.53 3.91
CA LEU A 116 -2.35 -7.56 3.07
C LEU A 116 -1.69 -7.51 1.71
N GLU A 117 -2.12 -8.41 0.82
CA GLU A 117 -1.61 -8.46 -0.55
C GLU A 117 -1.92 -7.29 -1.51
N TRP A 118 -2.77 -6.32 -1.12
CA TRP A 118 -2.96 -5.14 -2.01
C TRP A 118 -1.76 -4.20 -1.96
N TYR A 119 -0.87 -4.45 -0.99
CA TYR A 119 0.38 -3.74 -0.86
C TYR A 119 1.37 -4.11 -1.97
N ASN A 120 0.85 -4.60 -3.09
CA ASN A 120 1.66 -4.83 -4.29
C ASN A 120 1.39 -3.69 -5.27
N PRO A 121 2.45 -3.17 -5.90
CA PRO A 121 2.31 -1.86 -6.54
C PRO A 121 1.51 -1.71 -7.88
N PHE A 122 1.35 -2.77 -8.68
CA PHE A 122 0.81 -2.66 -10.02
C PHE A 122 -0.71 -2.92 -10.03
N SER A 123 -1.13 -4.07 -9.50
CA SER A 123 -2.56 -4.41 -9.46
C SER A 123 -3.19 -4.17 -8.13
N LEU A 124 -2.41 -3.78 -7.12
CA LEU A 124 -2.95 -3.69 -5.77
C LEU A 124 -3.57 -5.03 -5.39
N SER A 125 -2.87 -6.11 -5.69
CA SER A 125 -3.33 -7.45 -5.37
C SER A 125 -2.17 -8.42 -5.38
N VAL A 126 -2.48 -9.61 -4.90
CA VAL A 126 -1.55 -10.75 -4.83
C VAL A 126 -1.07 -11.21 -6.25
N LYS A 127 -1.88 -10.91 -7.28
CA LYS A 127 -1.50 -11.20 -8.67
C LYS A 127 -0.22 -10.55 -9.22
N ASP A 128 0.31 -9.54 -8.58
CA ASP A 128 1.59 -8.96 -9.09
C ASP A 128 2.65 -10.03 -9.11
N ARG A 129 2.59 -10.92 -8.14
CA ARG A 129 3.72 -11.81 -7.92
C ARG A 129 3.85 -12.87 -9.07
N PRO A 130 2.73 -13.58 -9.44
CA PRO A 130 2.87 -14.57 -10.52
C PRO A 130 3.10 -13.88 -11.82
N ALA A 131 2.60 -12.68 -11.97
CA ALA A 131 2.83 -11.94 -13.22
C ALA A 131 4.29 -11.60 -13.38
N VAL A 132 4.91 -11.03 -12.35
CA VAL A 132 6.33 -10.75 -12.44
C VAL A 132 7.09 -12.08 -12.73
N GLU A 133 6.75 -13.17 -12.06
CA GLU A 133 7.58 -14.38 -12.18
C GLU A 133 7.43 -14.95 -13.64
N ILE A 134 6.18 -14.97 -14.10
CA ILE A 134 5.86 -15.52 -15.40
C ILE A 134 6.56 -14.71 -16.56
N ILE A 135 6.52 -13.40 -16.49
CA ILE A 135 7.12 -12.55 -17.54
C ILE A 135 8.60 -12.66 -17.48
N SER A 136 9.20 -12.64 -16.31
CA SER A 136 10.64 -12.73 -16.27
C SER A 136 11.13 -14.09 -16.87
N ARG A 137 10.45 -15.22 -16.65
CA ARG A 137 10.87 -16.47 -17.37
C ARG A 137 10.81 -16.33 -18.91
N LEU A 138 9.78 -15.66 -19.44
CA LEU A 138 9.66 -15.49 -20.89
C LEU A 138 10.83 -14.75 -21.47
N SER A 139 11.31 -13.82 -20.66
CA SER A 139 12.10 -12.73 -21.11
C SER A 139 13.40 -13.19 -21.77
N ARG A 140 13.73 -14.48 -21.65
CA ARG A 140 14.96 -14.99 -22.27
C ARG A 140 14.76 -15.92 -23.46
N ARG A 141 13.50 -16.30 -23.75
CA ARG A 141 13.14 -17.08 -24.93
C ARG A 141 12.22 -16.35 -25.91
N VAL A 142 11.52 -15.30 -25.45
CA VAL A 142 10.46 -14.70 -26.27
C VAL A 142 10.94 -13.33 -26.58
N GLU A 143 11.01 -13.04 -27.87
CA GLU A 143 11.46 -11.73 -28.38
C GLU A 143 10.57 -10.54 -27.98
N LYS A 144 11.19 -9.39 -27.69
CA LYS A 144 10.54 -8.19 -27.20
C LYS A 144 9.58 -7.69 -28.27
N GLY A 145 8.56 -6.94 -27.90
CA GLY A 145 7.55 -6.59 -28.86
C GLY A 145 6.53 -7.70 -29.03
N SER A 146 6.83 -8.92 -28.58
CA SER A 146 5.83 -9.98 -28.75
C SER A 146 4.56 -9.78 -27.90
N LEU A 147 3.42 -10.26 -28.37
CA LEU A 147 2.18 -10.18 -27.63
C LEU A 147 2.04 -11.30 -26.60
N VAL A 148 1.65 -11.00 -25.37
CA VAL A 148 1.38 -12.08 -24.41
C VAL A 148 -0.03 -11.93 -23.92
N ALA A 149 -0.68 -13.00 -23.49
CA ALA A 149 -2.14 -12.90 -23.20
C ALA A 149 -2.63 -13.89 -22.18
N ASP A 150 -3.75 -13.59 -21.51
CA ASP A 150 -4.43 -14.60 -20.71
C ASP A 150 -5.90 -14.30 -20.45
N ALA A 151 -6.60 -15.31 -19.92
CA ALA A 151 -7.90 -15.11 -19.31
C ALA A 151 -7.72 -14.67 -17.87
N THR A 152 -8.58 -13.76 -17.41
CA THR A 152 -8.56 -13.27 -16.01
C THR A 152 -9.93 -12.85 -15.47
N SER A 153 -10.11 -12.96 -14.12
CA SER A 153 -11.28 -12.35 -13.42
C SER A 153 -11.18 -10.80 -13.29
N SER A 154 -9.96 -10.26 -13.33
CA SER A 154 -9.60 -8.81 -13.30
C SER A 154 -8.14 -8.60 -12.82
N ASN A 155 -7.81 -9.09 -11.62
CA ASN A 155 -6.49 -8.76 -11.08
C ASN A 155 -5.27 -9.10 -11.97
N PHE A 156 -5.20 -10.36 -12.40
CA PHE A 156 -4.07 -10.85 -13.13
C PHE A 156 -3.89 -10.06 -14.46
N GLY A 157 -5.01 -9.70 -15.07
CA GLY A 157 -5.00 -8.95 -16.27
C GLY A 157 -4.33 -7.62 -16.04
N VAL A 158 -4.70 -6.95 -14.92
CA VAL A 158 -4.09 -5.69 -14.57
C VAL A 158 -2.57 -5.88 -14.31
N ALA A 159 -2.23 -6.84 -13.43
CA ALA A 159 -0.80 -7.09 -13.13
C ALA A 159 -0.01 -7.43 -14.44
N LEU A 160 -0.54 -8.38 -15.22
CA LEU A 160 0.10 -8.71 -16.47
C LEU A 160 0.29 -7.52 -17.45
N SER A 161 -0.71 -6.63 -17.60
CA SER A 161 -0.48 -5.47 -18.50
C SER A 161 0.68 -4.59 -18.06
N ALA A 162 0.74 -4.27 -16.76
CA ALA A 162 1.84 -3.40 -16.21
C ALA A 162 3.18 -4.05 -16.39
N VAL A 163 3.23 -5.34 -16.05
CA VAL A 163 4.51 -6.07 -16.05
C VAL A 163 5.03 -6.34 -17.46
N ALA A 164 4.06 -6.61 -18.36
CA ALA A 164 4.38 -6.96 -19.74
C ALA A 164 5.04 -5.74 -20.32
N ARG A 165 4.43 -4.59 -20.08
CA ARG A 165 5.00 -3.34 -20.59
C ARG A 165 6.35 -2.99 -19.99
N LEU A 166 6.51 -3.15 -18.67
CA LEU A 166 7.86 -2.94 -18.06
C LEU A 166 8.97 -3.80 -18.67
N TYR A 167 8.62 -4.98 -19.20
CA TYR A 167 9.59 -5.87 -19.85
C TYR A 167 9.64 -5.75 -21.39
N GLY A 168 8.86 -4.85 -21.98
CA GLY A 168 8.94 -4.63 -23.41
C GLY A 168 7.99 -5.53 -24.20
N TYR A 169 7.00 -6.14 -23.53
CA TYR A 169 6.04 -6.95 -24.29
C TYR A 169 4.74 -6.18 -24.42
N ARG A 170 3.90 -6.63 -25.34
CA ARG A 170 2.54 -6.13 -25.46
C ARG A 170 1.61 -7.16 -24.79
N ALA A 171 0.42 -6.74 -24.35
CA ALA A 171 -0.46 -7.65 -23.70
C ALA A 171 -1.89 -7.56 -24.21
N ARG A 172 -2.59 -8.68 -24.10
CA ARG A 172 -3.98 -8.75 -24.35
C ARG A 172 -4.61 -9.51 -23.20
N VAL A 173 -5.69 -8.98 -22.65
CA VAL A 173 -6.45 -9.69 -21.62
C VAL A 173 -7.90 -9.98 -22.06
N TYR A 174 -8.37 -11.16 -21.70
CA TYR A 174 -9.72 -11.63 -21.94
C TYR A 174 -10.41 -11.74 -20.62
N LEU A 175 -11.61 -11.17 -20.52
CA LEU A 175 -12.42 -11.24 -19.31
C LEU A 175 -13.87 -11.60 -19.63
N PRO A 176 -14.52 -12.31 -18.70
CA PRO A 176 -15.95 -12.60 -18.77
C PRO A 176 -16.79 -11.33 -18.49
N GLY A 177 -18.06 -11.34 -18.90
CA GLY A 177 -18.93 -10.15 -18.76
C GLY A 177 -19.04 -9.65 -17.31
N ALA A 178 -19.04 -10.59 -16.36
CA ALA A 178 -19.24 -10.24 -14.94
C ALA A 178 -18.05 -9.63 -14.22
N ALA A 179 -16.87 -9.61 -14.82
CA ALA A 179 -15.67 -9.06 -14.17
C ALA A 179 -15.89 -7.59 -13.73
N GLU A 180 -15.26 -7.15 -12.63
CA GLU A 180 -15.28 -5.74 -12.19
C GLU A 180 -14.77 -4.80 -13.27
N GLU A 181 -15.28 -3.57 -13.22
CA GLU A 181 -14.90 -2.51 -14.15
C GLU A 181 -13.43 -2.19 -14.09
N PHE A 182 -12.78 -2.34 -12.92
CA PHE A 182 -11.38 -1.92 -12.89
C PHE A 182 -10.63 -2.88 -13.80
N GLY A 183 -11.06 -4.14 -13.86
CA GLY A 183 -10.46 -5.21 -14.72
C GLY A 183 -10.56 -4.93 -16.23
N LYS A 184 -11.69 -4.34 -16.67
CA LYS A 184 -11.90 -3.98 -18.08
C LYS A 184 -11.21 -2.71 -18.44
N LEU A 185 -11.06 -1.82 -17.46
CA LEU A 185 -10.59 -0.50 -17.80
C LEU A 185 -9.10 -0.32 -17.59
N LEU A 186 -8.59 -0.86 -16.47
CA LEU A 186 -7.21 -0.49 -16.09
C LEU A 186 -6.12 -0.98 -17.04
N PRO A 187 -6.28 -2.18 -17.61
CA PRO A 187 -5.29 -2.65 -18.54
C PRO A 187 -5.18 -1.74 -19.78
N ARG A 188 -6.30 -1.16 -20.23
CA ARG A 188 -6.25 -0.14 -21.34
C ARG A 188 -5.43 1.07 -20.90
N LEU A 189 -5.66 1.56 -19.68
CA LEU A 189 -4.80 2.65 -19.16
C LEU A 189 -3.33 2.23 -19.24
N LEU A 190 -3.08 0.96 -18.91
CA LEU A 190 -1.71 0.45 -18.91
C LEU A 190 -1.13 0.14 -20.31
N GLY A 191 -1.94 0.28 -21.38
CA GLY A 191 -1.41 0.03 -22.75
C GLY A 191 -1.82 -1.31 -23.38
N ALA A 192 -2.61 -2.13 -22.68
CA ALA A 192 -3.02 -3.44 -23.16
C ALA A 192 -4.28 -3.38 -24.04
N GLN A 193 -4.52 -4.41 -24.88
CA GLN A 193 -5.85 -4.62 -25.44
C GLN A 193 -6.71 -5.46 -24.47
N VAL A 194 -7.99 -5.26 -24.54
CA VAL A 194 -8.94 -5.93 -23.66
C VAL A 194 -10.00 -6.59 -24.52
N ILE A 195 -10.42 -7.80 -24.17
CA ILE A 195 -11.52 -8.46 -24.88
C ILE A 195 -12.46 -8.96 -23.79
N VAL A 196 -13.71 -8.53 -23.88
CA VAL A 196 -14.72 -8.89 -22.88
C VAL A 196 -15.73 -9.77 -23.60
N ASP A 197 -15.93 -10.97 -23.07
CA ASP A 197 -16.88 -11.94 -23.58
C ASP A 197 -18.08 -11.96 -22.65
N PRO A 198 -19.18 -11.31 -23.05
CA PRO A 198 -20.38 -11.26 -22.22
C PRO A 198 -21.05 -12.61 -22.07
N GLU A 199 -20.67 -13.57 -22.90
CA GLU A 199 -21.20 -14.91 -22.75
C GLU A 199 -20.59 -15.68 -21.61
N ALA A 200 -19.25 -15.61 -21.52
CA ALA A 200 -18.48 -16.45 -20.62
C ALA A 200 -18.99 -16.31 -19.17
N PRO A 201 -19.51 -17.40 -18.59
CA PRO A 201 -20.02 -17.36 -17.20
C PRO A 201 -18.90 -17.54 -16.14
N SER A 202 -17.65 -17.60 -16.58
CA SER A 202 -16.52 -17.81 -15.70
C SER A 202 -15.27 -17.48 -16.50
N THR A 203 -14.21 -17.15 -15.78
CA THR A 203 -12.85 -17.04 -16.35
C THR A 203 -12.36 -18.31 -17.07
N VAL A 204 -12.46 -19.48 -16.44
CA VAL A 204 -11.97 -20.73 -17.07
C VAL A 204 -12.76 -21.12 -18.34
N HIS A 205 -14.01 -20.67 -18.45
CA HIS A 205 -14.80 -20.84 -19.70
C HIS A 205 -14.19 -20.07 -20.89
N LEU A 206 -13.43 -19.00 -20.60
CA LEU A 206 -12.68 -18.31 -21.65
C LEU A 206 -11.47 -19.07 -22.19
N LEU A 207 -10.89 -20.00 -21.44
CA LEU A 207 -9.62 -20.61 -21.85
C LEU A 207 -9.60 -21.29 -23.24
N PRO A 208 -10.63 -22.10 -23.60
CA PRO A 208 -10.58 -22.66 -24.97
C PRO A 208 -10.48 -21.57 -26.08
N ARG A 209 -11.17 -20.44 -25.92
CA ARG A 209 -11.07 -19.36 -26.90
C ARG A 209 -9.66 -18.69 -26.96
N VAL A 210 -9.07 -18.44 -25.81
CA VAL A 210 -7.68 -17.94 -25.74
C VAL A 210 -6.75 -18.91 -26.46
N MET A 211 -6.95 -20.23 -26.27
CA MET A 211 -6.06 -21.23 -26.90
C MET A 211 -6.24 -21.27 -28.40
N LYS A 212 -7.50 -21.29 -28.83
CA LYS A 212 -7.73 -21.18 -30.24
C LYS A 212 -7.13 -19.91 -30.84
N ASP A 213 -7.40 -18.74 -30.25
CA ASP A 213 -6.80 -17.51 -30.78
C ASP A 213 -5.26 -17.58 -30.83
N SER A 214 -4.67 -18.19 -29.80
CA SER A 214 -3.23 -18.48 -29.75
C SER A 214 -2.72 -19.23 -30.97
N LYS A 215 -3.29 -20.37 -31.29
CA LYS A 215 -2.96 -21.10 -32.54
C LYS A 215 -3.18 -20.29 -33.81
N ASN A 216 -4.27 -19.52 -33.88
CA ASN A 216 -4.48 -18.70 -35.06
C ASN A 216 -3.49 -17.54 -35.12
N GLU A 217 -3.39 -16.76 -34.05
CA GLU A 217 -2.65 -15.51 -34.14
C GLU A 217 -1.21 -15.64 -33.70
N GLY A 218 -0.88 -16.73 -33.00
CA GLY A 218 0.51 -16.92 -32.57
C GLY A 218 0.97 -16.00 -31.45
N PHE A 219 0.06 -15.57 -30.59
CA PHE A 219 0.55 -14.87 -29.36
C PHE A 219 0.94 -15.91 -28.25
N VAL A 220 1.71 -15.50 -27.22
CA VAL A 220 2.09 -16.41 -26.13
C VAL A 220 0.98 -16.44 -25.08
N HIS A 221 0.37 -17.60 -24.93
CA HIS A 221 -0.60 -17.77 -23.88
C HIS A 221 0.12 -18.18 -22.59
N VAL A 222 0.24 -17.26 -21.63
CA VAL A 222 1.09 -17.53 -20.46
C VAL A 222 0.38 -18.43 -19.42
N ASN A 223 -0.95 -18.59 -19.58
CA ASN A 223 -1.79 -19.51 -18.81
C ASN A 223 -1.49 -19.64 -17.29
N GLN A 224 -1.95 -18.65 -16.51
CA GLN A 224 -1.79 -18.62 -15.05
C GLN A 224 -2.37 -19.89 -14.35
N PHE A 225 -3.33 -20.56 -15.03
CA PHE A 225 -4.01 -21.76 -14.48
C PHE A 225 -3.11 -23.02 -14.52
N TYR A 226 -2.10 -22.96 -15.38
CA TYR A 226 -1.29 -24.10 -15.68
C TYR A 226 0.20 -23.80 -15.57
N ASN A 227 0.57 -22.54 -15.43
CA ASN A 227 1.98 -22.19 -15.60
C ASN A 227 2.66 -22.39 -14.25
N ASP A 228 3.66 -23.23 -14.17
CA ASP A 228 4.24 -23.51 -12.87
C ASP A 228 4.88 -22.28 -12.21
N ALA A 229 5.28 -21.27 -12.99
CA ALA A 229 5.92 -20.04 -12.42
C ALA A 229 4.98 -19.29 -11.44
N ASN A 230 3.67 -19.43 -11.64
CA ASN A 230 2.67 -18.96 -10.69
C ASN A 230 2.88 -19.57 -9.26
N PHE A 231 2.85 -20.88 -9.14
CA PHE A 231 3.10 -21.56 -7.86
C PHE A 231 4.52 -21.19 -7.30
N GLU A 232 5.51 -21.12 -8.18
CA GLU A 232 6.85 -20.86 -7.74
C GLU A 232 6.98 -19.49 -7.16
N ALA A 233 6.26 -18.53 -7.77
CA ALA A 233 6.21 -17.15 -7.30
C ALA A 233 5.77 -17.02 -5.86
N HIS A 234 4.69 -17.74 -5.54
CA HIS A 234 4.13 -17.75 -4.21
C HIS A 234 5.00 -18.58 -3.27
N MET A 235 5.73 -19.56 -3.79
CA MET A 235 6.67 -20.28 -2.90
C MET A 235 7.72 -19.30 -2.34
N ARG A 236 8.43 -18.58 -3.21
CA ARG A 236 9.59 -17.77 -2.73
C ARG A 236 9.14 -16.41 -2.19
N GLY A 237 7.89 -16.05 -2.48
CA GLY A 237 7.35 -14.79 -2.05
C GLY A 237 6.32 -15.02 -0.91
N THR A 238 5.02 -15.00 -1.25
CA THR A 238 3.96 -15.12 -0.23
C THR A 238 4.21 -16.11 0.91
N ALA A 239 4.54 -17.35 0.58
CA ALA A 239 4.57 -18.49 1.52
C ALA A 239 5.80 -18.36 2.38
N ARG A 240 6.93 -18.06 1.74
CA ARG A 240 8.19 -17.87 2.45
C ARG A 240 7.99 -16.79 3.48
N GLU A 241 7.31 -15.71 3.05
CA GLU A 241 7.13 -14.57 3.94
C GLU A 241 6.27 -14.94 5.18
N ILE A 242 5.15 -15.64 4.99
CA ILE A 242 4.42 -16.14 6.22
C ILE A 242 5.40 -16.88 7.16
N PHE A 243 6.25 -17.71 6.59
CA PHE A 243 7.15 -18.48 7.41
C PHE A 243 8.06 -17.54 8.20
N VAL A 244 8.83 -16.73 7.45
CA VAL A 244 9.71 -15.77 8.06
C VAL A 244 9.03 -14.77 9.03
N GLN A 245 7.89 -14.24 8.62
CA GLN A 245 7.22 -13.24 9.43
C GLN A 245 6.72 -13.93 10.71
N SER A 246 6.29 -15.18 10.60
CA SER A 246 5.72 -15.89 11.78
C SER A 246 6.82 -16.13 12.78
N ARG A 247 7.97 -16.63 12.31
N ARG A 247 7.99 -16.54 12.29
CA ARG A 247 9.18 -16.82 13.12
CA ARG A 247 9.14 -16.87 13.15
C ARG A 247 9.57 -15.51 13.80
C ARG A 247 9.83 -15.64 13.77
N ARG A 248 10.10 -14.60 12.99
CA ARG A 248 10.58 -13.32 13.51
C ARG A 248 9.55 -12.48 14.32
N GLY A 249 8.26 -12.55 14.00
CA GLY A 249 7.21 -11.85 14.80
C GLY A 249 6.79 -12.56 16.09
N GLY A 250 7.28 -13.78 16.34
CA GLY A 250 6.91 -14.54 17.56
C GLY A 250 5.52 -15.21 17.53
N LEU A 251 4.89 -15.32 16.36
CA LEU A 251 3.57 -15.97 16.30
C LEU A 251 3.73 -17.45 16.71
N ALA A 252 2.70 -17.99 17.36
CA ALA A 252 2.56 -19.45 17.48
C ALA A 252 1.71 -19.92 16.31
N LEU A 253 2.32 -20.06 15.15
CA LEU A 253 1.56 -20.24 13.91
C LEU A 253 0.94 -21.62 13.84
N ARG A 254 -0.38 -21.68 13.76
CA ARG A 254 -1.09 -22.97 13.68
C ARG A 254 -1.79 -23.18 12.37
N GLY A 255 -2.03 -22.12 11.60
CA GLY A 255 -2.66 -22.33 10.31
C GLY A 255 -2.69 -21.11 9.45
N VAL A 256 -2.95 -21.28 8.16
CA VAL A 256 -3.23 -20.15 7.29
C VAL A 256 -4.62 -20.37 6.70
N ALA A 257 -5.28 -19.30 6.25
CA ALA A 257 -6.61 -19.41 5.64
C ALA A 257 -6.60 -18.59 4.36
N GLY A 258 -7.20 -19.06 3.29
CA GLY A 258 -7.27 -18.24 2.07
C GLY A 258 -8.27 -18.81 1.10
N SER A 259 -8.27 -18.23 -0.09
CA SER A 259 -9.19 -18.54 -1.14
C SER A 259 -8.43 -19.14 -2.35
N LEU A 260 -9.18 -19.71 -3.31
CA LEU A 260 -8.60 -20.42 -4.46
C LEU A 260 -9.19 -19.91 -5.74
N GLY A 261 -8.29 -19.40 -6.61
CA GLY A 261 -8.57 -19.00 -7.98
C GLY A 261 -7.91 -20.07 -8.85
N THR A 262 -6.66 -19.78 -9.30
CA THR A 262 -5.75 -20.77 -9.87
C THR A 262 -5.27 -21.83 -8.86
N SER A 263 -5.33 -21.48 -7.58
CA SER A 263 -4.82 -22.21 -6.42
C SER A 263 -3.35 -21.93 -6.22
N GLY A 264 -2.80 -21.02 -7.05
CA GLY A 264 -1.36 -20.66 -6.89
C GLY A 264 -0.90 -20.33 -5.44
N HIS A 265 -1.45 -19.26 -4.88
CA HIS A 265 -0.95 -18.79 -3.57
C HIS A 265 -1.27 -19.67 -2.36
N MET A 266 -2.48 -20.24 -2.31
CA MET A 266 -2.77 -21.12 -1.19
C MET A 266 -2.03 -22.49 -1.24
N SER A 267 -1.81 -23.06 -2.41
CA SER A 267 -1.01 -24.26 -2.53
C SER A 267 0.43 -24.03 -2.09
N ALA A 268 1.01 -22.87 -2.45
CA ALA A 268 2.34 -22.56 -2.08
C ALA A 268 2.39 -22.40 -0.55
N ALA A 269 1.46 -21.62 0.01
CA ALA A 269 1.44 -21.37 1.40
C ALA A 269 1.35 -22.70 2.17
N ALA A 270 0.42 -23.56 1.76
CA ALA A 270 0.21 -24.84 2.47
C ALA A 270 1.41 -25.75 2.28
N PHE A 271 1.90 -25.85 1.04
CA PHE A 271 3.01 -26.73 0.82
C PHE A 271 4.32 -26.30 1.57
N TYR A 272 4.55 -24.98 1.66
CA TYR A 272 5.81 -24.51 2.20
C TYR A 272 5.69 -24.76 3.71
N LEU A 273 4.63 -24.21 4.27
CA LEU A 273 4.48 -24.27 5.75
C LEU A 273 4.37 -25.70 6.30
N GLN A 274 3.70 -26.54 5.51
CA GLN A 274 3.57 -27.95 5.92
C GLN A 274 4.86 -28.74 5.75
N SER A 275 5.80 -28.23 4.92
CA SER A 275 7.13 -28.85 4.88
C SER A 275 7.89 -28.64 6.19
N VAL A 276 7.73 -27.44 6.74
CA VAL A 276 8.35 -27.10 8.00
C VAL A 276 7.61 -27.81 9.19
N ASP A 277 6.30 -27.80 9.20
CA ASP A 277 5.54 -28.43 10.30
C ASP A 277 4.25 -28.91 9.69
N PRO A 278 4.16 -30.24 9.43
CA PRO A 278 3.02 -30.87 8.76
C PRO A 278 1.69 -30.70 9.47
N SER A 279 1.69 -30.32 10.75
CA SER A 279 0.44 -30.07 11.48
C SER A 279 -0.21 -28.69 11.26
N ILE A 280 0.51 -27.75 10.59
CA ILE A 280 -0.11 -26.46 10.29
C ILE A 280 -1.28 -26.67 9.33
N ARG A 281 -2.46 -26.15 9.69
CA ARG A 281 -3.67 -26.31 8.88
C ARG A 281 -3.72 -25.37 7.67
N ALA A 282 -4.51 -25.70 6.68
CA ALA A 282 -4.82 -24.74 5.67
C ALA A 282 -6.33 -24.73 5.44
N VAL A 283 -6.95 -23.61 5.79
CA VAL A 283 -8.43 -23.49 5.71
C VAL A 283 -8.79 -22.75 4.44
N LEU A 284 -9.55 -23.38 3.55
CA LEU A 284 -9.75 -22.82 2.26
C LEU A 284 -11.22 -22.61 1.95
N VAL A 285 -11.51 -21.47 1.30
CA VAL A 285 -12.89 -21.07 0.97
C VAL A 285 -13.47 -21.99 -0.14
N GLN A 286 -14.70 -22.48 0.06
CA GLN A 286 -15.50 -23.09 -1.02
C GLN A 286 -16.62 -22.13 -1.16
N PRO A 287 -16.63 -21.27 -2.19
CA PRO A 287 -17.77 -20.36 -2.42
C PRO A 287 -19.05 -21.19 -2.59
N ALA A 288 -20.15 -20.84 -1.89
CA ALA A 288 -21.37 -21.69 -1.87
C ALA A 288 -21.93 -21.82 -3.28
N GLN A 289 -22.52 -22.97 -3.60
CA GLN A 289 -23.05 -23.20 -4.96
C GLN A 289 -24.00 -22.06 -5.33
N GLY A 290 -23.84 -21.51 -6.54
CA GLY A 290 -24.66 -20.40 -7.04
C GLY A 290 -24.18 -18.99 -6.70
N ASP A 291 -23.22 -18.88 -5.80
CA ASP A 291 -22.72 -17.56 -5.43
C ASP A 291 -21.47 -17.25 -6.21
N SER A 292 -21.32 -15.99 -6.59
CA SER A 292 -20.04 -15.58 -7.19
C SER A 292 -19.22 -14.67 -6.29
N ILE A 293 -18.10 -15.15 -5.81
CA ILE A 293 -17.23 -14.25 -5.05
C ILE A 293 -16.12 -13.91 -6.04
N PRO A 294 -15.99 -12.62 -6.42
CA PRO A 294 -15.01 -12.28 -7.47
C PRO A 294 -13.60 -12.85 -7.25
N GLY A 295 -13.06 -13.44 -8.29
CA GLY A 295 -11.67 -13.85 -8.35
C GLY A 295 -11.48 -15.30 -7.92
N ILE A 296 -12.55 -15.94 -7.39
CA ILE A 296 -12.39 -17.24 -6.77
C ILE A 296 -13.43 -18.31 -7.17
N ARG A 297 -13.11 -19.59 -6.90
CA ARG A 297 -13.80 -20.76 -7.50
C ARG A 297 -13.87 -21.90 -6.52
N ARG A 298 -14.83 -22.82 -6.75
CA ARG A 298 -14.92 -24.08 -6.02
C ARG A 298 -13.78 -24.97 -6.50
N VAL A 299 -13.19 -25.74 -5.58
CA VAL A 299 -12.17 -26.71 -5.88
C VAL A 299 -12.40 -27.64 -7.12
N GLU A 300 -13.59 -28.19 -7.22
CA GLU A 300 -13.84 -29.27 -8.21
C GLU A 300 -13.95 -28.85 -9.68
N THR A 301 -13.87 -27.55 -9.92
CA THR A 301 -13.92 -26.99 -11.26
C THR A 301 -12.54 -27.06 -11.96
N GLY A 302 -11.56 -27.74 -11.35
CA GLY A 302 -10.24 -28.05 -12.01
C GLY A 302 -9.13 -27.08 -11.53
N MET A 303 -8.18 -27.56 -10.71
CA MET A 303 -7.15 -26.72 -10.18
C MET A 303 -5.84 -27.52 -10.14
N LEU A 304 -4.77 -26.94 -10.68
CA LEU A 304 -3.58 -27.73 -10.81
C LEU A 304 -2.93 -28.09 -9.45
N TRP A 305 -2.30 -27.14 -8.77
CA TRP A 305 -1.40 -27.46 -7.67
C TRP A 305 -2.06 -28.03 -6.44
N ILE A 306 -3.25 -27.56 -6.10
CA ILE A 306 -3.83 -28.05 -4.86
C ILE A 306 -4.13 -29.54 -4.94
N ASN A 307 -4.50 -30.03 -6.12
CA ASN A 307 -4.78 -31.45 -6.34
C ASN A 307 -3.57 -32.35 -6.51
N MET A 308 -2.60 -31.89 -7.29
CA MET A 308 -1.47 -32.73 -7.63
C MET A 308 -0.38 -32.80 -6.56
N LEU A 309 -0.31 -31.83 -5.66
CA LEU A 309 0.82 -31.79 -4.74
C LEU A 309 0.36 -32.42 -3.41
N ASP A 310 1.30 -32.91 -2.61
CA ASP A 310 0.98 -33.59 -1.33
C ASP A 310 0.75 -32.55 -0.18
N ILE A 311 -0.48 -32.04 -0.11
CA ILE A 311 -0.92 -30.86 0.68
C ILE A 311 -2.14 -31.30 1.53
N SER A 312 -2.18 -31.05 2.85
CA SER A 312 -3.44 -31.23 3.64
C SER A 312 -4.22 -29.93 3.62
N TYR A 313 -5.54 -30.03 3.52
CA TYR A 313 -6.36 -28.88 3.72
C TYR A 313 -7.74 -29.29 4.18
N THR A 314 -8.49 -28.33 4.70
CA THR A 314 -9.91 -28.45 5.02
C THR A 314 -10.61 -27.36 4.28
N LEU A 315 -11.78 -27.69 3.75
CA LEU A 315 -12.64 -26.74 3.03
C LEU A 315 -13.74 -26.16 3.91
N ALA A 316 -14.07 -24.89 3.73
CA ALA A 316 -15.29 -24.37 4.42
C ALA A 316 -16.19 -23.65 3.45
N GLU A 317 -17.48 -23.92 3.56
CA GLU A 317 -18.50 -23.32 2.68
C GLU A 317 -18.75 -21.88 3.06
N VAL A 318 -18.72 -20.99 2.08
CA VAL A 318 -18.95 -19.58 2.39
C VAL A 318 -19.84 -18.90 1.33
N THR A 319 -20.92 -18.24 1.74
CA THR A 319 -21.78 -17.59 0.73
C THR A 319 -21.24 -16.17 0.48
N LEU A 320 -21.57 -15.57 -0.66
CA LEU A 320 -21.23 -14.15 -0.90
C LEU A 320 -21.76 -13.19 0.23
N GLU A 321 -22.97 -13.47 0.72
CA GLU A 321 -23.48 -12.68 1.81
C GLU A 321 -22.54 -12.77 3.01
N GLU A 322 -22.16 -14.00 3.41
CA GLU A 322 -21.28 -14.16 4.55
C GLU A 322 -19.90 -13.47 4.36
N ALA A 323 -19.34 -13.57 3.15
CA ALA A 323 -18.10 -12.88 2.79
C ALA A 323 -18.14 -11.38 3.01
N MET A 324 -19.22 -10.77 2.55
CA MET A 324 -19.43 -9.30 2.68
C MET A 324 -19.73 -8.87 4.09
N GLU A 325 -20.46 -9.67 4.82
CA GLU A 325 -20.64 -9.41 6.27
C GLU A 325 -19.26 -9.41 7.03
N ALA A 326 -18.35 -10.28 6.67
CA ALA A 326 -16.98 -10.21 7.26
C ALA A 326 -16.19 -8.96 6.74
N VAL A 327 -16.45 -8.51 5.53
CA VAL A 327 -15.82 -7.26 5.06
C VAL A 327 -16.21 -6.11 5.98
N VAL A 328 -17.51 -6.01 6.21
CA VAL A 328 -18.07 -5.03 7.15
C VAL A 328 -17.47 -5.11 8.55
N GLU A 329 -17.35 -6.32 9.09
CA GLU A 329 -16.87 -6.45 10.46
C GLU A 329 -15.38 -6.15 10.59
N VAL A 330 -14.55 -6.62 9.68
CA VAL A 330 -13.15 -6.16 9.60
C VAL A 330 -13.05 -4.64 9.49
N ALA A 331 -13.76 -4.03 8.54
CA ALA A 331 -13.79 -2.56 8.45
C ALA A 331 -14.07 -1.92 9.84
N ARG A 332 -15.15 -2.37 10.50
CA ARG A 332 -15.58 -1.74 11.79
C ARG A 332 -14.66 -2.10 12.94
N SER A 333 -13.93 -3.20 12.78
CA SER A 333 -13.09 -3.63 13.87
C SER A 333 -11.67 -3.05 13.69
N ASP A 334 -11.12 -3.10 12.47
CA ASP A 334 -9.75 -2.67 12.28
C ASP A 334 -9.54 -1.39 11.51
N GLY A 335 -10.61 -0.84 10.94
CA GLY A 335 -10.51 0.28 10.01
C GLY A 335 -9.82 -0.02 8.68
N LEU A 336 -9.70 -1.30 8.34
CA LEU A 336 -9.09 -1.84 7.08
C LEU A 336 -10.19 -2.29 6.13
N VAL A 337 -10.24 -1.73 4.92
CA VAL A 337 -11.23 -2.17 3.90
C VAL A 337 -10.74 -3.31 2.96
N ILE A 338 -11.21 -4.56 3.19
CA ILE A 338 -10.72 -5.71 2.42
C ILE A 338 -11.72 -6.15 1.31
N GLY A 339 -11.22 -6.89 0.30
CA GLY A 339 -12.02 -7.40 -0.81
C GLY A 339 -12.82 -8.64 -0.43
N PRO A 340 -13.86 -8.93 -1.23
CA PRO A 340 -14.81 -9.99 -0.91
C PRO A 340 -14.11 -11.28 -0.69
N SER A 341 -13.03 -11.55 -1.44
CA SER A 341 -12.34 -12.86 -1.33
C SER A 341 -11.59 -12.97 0.01
N GLY A 342 -11.11 -11.80 0.49
CA GLY A 342 -10.45 -11.74 1.82
C GLY A 342 -11.47 -11.88 2.98
N GLY A 343 -12.63 -11.23 2.84
CA GLY A 343 -13.78 -11.45 3.70
C GLY A 343 -14.17 -12.93 3.76
N ALA A 344 -14.27 -13.57 2.58
CA ALA A 344 -14.59 -14.99 2.53
C ALA A 344 -13.59 -15.83 3.33
N ALA A 345 -12.30 -15.52 3.26
CA ALA A 345 -11.30 -16.28 3.99
C ALA A 345 -11.45 -16.08 5.49
N VAL A 346 -11.60 -14.82 5.93
CA VAL A 346 -11.79 -14.51 7.36
C VAL A 346 -12.95 -15.41 7.90
N LYS A 347 -14.05 -15.40 7.13
CA LYS A 347 -15.25 -16.16 7.46
C LYS A 347 -15.02 -17.67 7.56
N ALA A 348 -14.34 -18.24 6.54
CA ALA A 348 -14.06 -19.66 6.54
C ALA A 348 -13.25 -20.01 7.83
N LEU A 349 -12.36 -19.12 8.22
CA LEU A 349 -11.57 -19.32 9.43
C LEU A 349 -12.49 -19.20 10.68
N ALA A 350 -13.38 -18.23 10.66
CA ALA A 350 -14.33 -18.08 11.78
C ALA A 350 -15.16 -19.35 11.97
N LYS A 351 -15.59 -19.97 10.84
CA LYS A 351 -16.41 -21.17 10.88
C LYS A 351 -15.68 -22.35 11.46
N LYS A 352 -14.44 -22.59 10.99
CA LYS A 352 -13.64 -23.65 11.57
C LYS A 352 -13.30 -23.38 13.03
N ALA A 353 -13.25 -22.09 13.38
CA ALA A 353 -12.89 -21.76 14.72
C ALA A 353 -14.11 -22.11 15.61
N ALA A 354 -15.31 -21.72 15.15
CA ALA A 354 -16.54 -22.00 15.88
C ALA A 354 -16.84 -23.47 16.06
N GLU A 355 -16.46 -24.33 15.10
CA GLU A 355 -16.76 -25.77 15.20
C GLU A 355 -15.76 -26.48 16.16
N GLY A 356 -14.66 -25.83 16.49
CA GLY A 356 -13.74 -26.44 17.46
C GLY A 356 -12.68 -27.36 16.87
N ASP A 357 -12.52 -27.35 15.55
CA ASP A 357 -11.43 -28.19 14.92
C ASP A 357 -10.05 -27.56 14.86
N LEU A 358 -9.92 -26.30 15.27
CA LEU A 358 -8.64 -25.58 15.22
C LEU A 358 -8.01 -25.39 16.60
N GLU A 359 -6.76 -25.79 16.80
CA GLU A 359 -5.99 -25.35 17.98
C GLU A 359 -5.99 -23.82 18.21
N PRO A 360 -6.04 -23.40 19.48
CA PRO A 360 -5.81 -22.00 19.74
C PRO A 360 -4.39 -21.61 19.32
N GLY A 361 -4.25 -20.40 18.83
CA GLY A 361 -2.98 -19.97 18.24
C GLY A 361 -3.21 -18.87 17.24
N ASP A 362 -2.10 -18.56 16.54
CA ASP A 362 -2.08 -17.52 15.52
C ASP A 362 -2.37 -18.12 14.14
N TYR A 363 -3.24 -17.48 13.41
CA TYR A 363 -3.61 -17.96 12.09
C TYR A 363 -3.45 -16.74 11.12
N VAL A 364 -2.91 -16.99 9.95
CA VAL A 364 -2.67 -15.92 9.01
C VAL A 364 -3.72 -16.04 7.94
N VAL A 365 -4.54 -15.02 7.78
CA VAL A 365 -5.44 -14.92 6.65
C VAL A 365 -4.85 -14.06 5.46
N VAL A 366 -4.66 -14.68 4.30
CA VAL A 366 -4.15 -13.95 3.12
C VAL A 366 -5.31 -13.18 2.49
N VAL A 367 -5.23 -11.86 2.51
CA VAL A 367 -6.22 -10.97 1.96
C VAL A 367 -5.73 -10.59 0.54
N PRO A 368 -6.41 -11.13 -0.49
CA PRO A 368 -5.86 -10.99 -1.88
C PRO A 368 -5.81 -9.53 -2.36
N ASP A 369 -6.79 -8.71 -1.95
CA ASP A 369 -6.83 -7.34 -2.44
C ASP A 369 -7.68 -6.39 -1.61
N THR A 370 -7.79 -5.14 -2.07
CA THR A 370 -8.45 -4.08 -1.35
C THR A 370 -9.95 -3.96 -1.74
N GLY A 371 -10.83 -3.74 -0.76
CA GLY A 371 -12.29 -3.62 -0.97
C GLY A 371 -12.67 -2.32 -1.62
N PHE A 372 -11.71 -1.40 -1.79
CA PHE A 372 -12.03 -0.15 -2.48
C PHE A 372 -12.51 -0.41 -3.90
N LYS A 373 -12.08 -1.56 -4.44
CA LYS A 373 -12.33 -1.96 -5.82
C LYS A 373 -13.71 -2.55 -6.05
N TYR A 374 -14.52 -2.71 -5.01
CA TYR A 374 -15.74 -3.47 -5.07
C TYR A 374 -16.92 -2.70 -4.48
N LEU A 375 -17.09 -1.43 -4.89
CA LEU A 375 -18.10 -0.55 -4.30
C LEU A 375 -19.53 -1.11 -4.43
N SER A 376 -19.88 -1.72 -5.54
CA SER A 376 -21.32 -2.00 -5.62
C SER A 376 -21.65 -3.24 -4.77
N LEU A 377 -20.67 -4.13 -4.58
CA LEU A 377 -20.77 -5.17 -3.55
C LEU A 377 -20.83 -4.57 -2.17
N VAL A 378 -20.08 -3.48 -1.94
CA VAL A 378 -20.15 -2.89 -0.60
C VAL A 378 -21.54 -2.26 -0.37
N GLN A 379 -22.01 -1.52 -1.37
CA GLN A 379 -23.36 -0.93 -1.30
C GLN A 379 -24.42 -1.97 -0.99
N ASN A 380 -24.34 -3.14 -1.63
CA ASN A 380 -25.34 -4.16 -1.36
C ASN A 380 -25.27 -4.79 0.03
N ALA A 381 -24.06 -4.98 0.54
CA ALA A 381 -23.91 -5.51 1.87
C ALA A 381 -24.50 -4.58 2.93
N LEU A 382 -24.48 -3.27 2.64
CA LEU A 382 -25.06 -2.26 3.52
C LEU A 382 -26.60 -2.21 3.43
N GLU A 383 -27.17 -2.39 2.22
CA GLU A 383 -28.60 -2.78 1.96
C GLU A 383 -29.47 -1.65 1.47
N ALA B 2 23.20 13.92 28.58
CA ALA B 2 22.17 12.90 28.36
C ALA B 2 21.14 13.37 27.29
N LEU B 3 20.11 12.56 27.11
CA LEU B 3 18.97 12.82 26.25
C LEU B 3 17.84 12.19 27.05
N ALA B 4 16.65 12.75 26.99
CA ALA B 4 15.53 12.00 27.55
C ALA B 4 14.50 11.73 26.45
N ASP B 5 13.80 10.64 26.65
CA ASP B 5 12.67 10.24 25.83
C ASP B 5 11.61 11.34 25.76
N ILE B 6 11.36 11.89 24.56
CA ILE B 6 10.36 12.95 24.43
C ILE B 6 8.99 12.52 24.90
N SER B 7 8.66 11.24 24.90
CA SER B 7 7.31 10.82 25.33
C SER B 7 7.01 11.25 26.77
N GLY B 8 8.05 11.41 27.60
CA GLY B 8 7.80 12.00 28.89
C GLY B 8 7.52 13.49 28.96
N TYR B 9 7.49 14.21 27.81
CA TYR B 9 7.34 15.66 27.79
C TYR B 9 6.15 16.14 27.00
N LEU B 10 5.38 15.22 26.47
CA LEU B 10 4.34 15.56 25.50
C LEU B 10 3.10 16.29 26.05
N ASP B 11 3.07 16.66 27.32
CA ASP B 11 1.96 17.50 27.82
C ASP B 11 2.03 18.88 27.28
N VAL B 12 3.17 19.26 26.70
CA VAL B 12 3.25 20.52 25.93
C VAL B 12 2.21 20.58 24.75
N LEU B 13 1.77 19.43 24.24
CA LEU B 13 0.77 19.48 23.12
C LEU B 13 -0.61 20.03 23.58
N ASP B 14 -0.89 19.93 24.87
CA ASP B 14 -2.15 20.47 25.43
C ASP B 14 -2.05 21.95 25.74
N SER B 15 -0.85 22.43 26.04
CA SER B 15 -0.74 23.78 26.60
C SER B 15 -0.12 24.80 25.63
N VAL B 16 0.72 24.38 24.68
CA VAL B 16 1.26 25.35 23.69
C VAL B 16 0.21 25.76 22.65
N ARG B 17 0.10 27.06 22.41
CA ARG B 17 -0.79 27.58 21.41
C ARG B 17 0.01 28.54 20.55
N GLY B 18 -0.47 28.81 19.33
CA GLY B 18 0.11 29.82 18.46
C GLY B 18 1.23 29.21 17.61
N PHE B 19 1.77 30.02 16.71
CA PHE B 19 2.80 29.58 15.80
C PHE B 19 4.22 29.98 16.24
N SER B 20 4.35 30.59 17.41
CA SER B 20 5.68 31.16 17.64
C SER B 20 6.68 30.01 17.87
N TYR B 21 6.19 28.81 18.33
CA TYR B 21 7.10 27.64 18.51
C TYR B 21 7.74 27.24 17.19
N LEU B 22 7.12 27.58 16.06
CA LEU B 22 7.69 27.19 14.79
C LEU B 22 8.99 27.92 14.42
N GLU B 23 9.27 29.03 15.09
CA GLU B 23 10.55 29.70 14.87
C GLU B 23 11.64 28.84 15.48
N ASN B 24 11.33 28.11 16.55
CA ASN B 24 12.28 27.16 17.12
C ASN B 24 12.48 25.98 16.17
N ALA B 25 11.36 25.49 15.59
CA ALA B 25 11.48 24.36 14.67
C ALA B 25 12.38 24.73 13.43
N ARG B 26 12.16 25.89 12.84
CA ARG B 26 12.94 26.30 11.69
C ARG B 26 14.45 26.38 12.06
N GLU B 27 14.75 26.87 13.24
CA GLU B 27 16.14 27.14 13.61
C GLU B 27 16.91 25.85 13.94
N VAL B 28 16.27 24.94 14.66
CA VAL B 28 16.85 23.62 14.83
C VAL B 28 17.08 22.84 13.52
N LEU B 29 16.07 22.84 12.63
CA LEU B 29 16.23 22.20 11.32
C LEU B 29 17.38 22.91 10.54
N ARG B 30 17.46 24.24 10.61
N ARG B 30 17.44 24.22 10.68
CA ARG B 30 18.52 24.94 9.80
CA ARG B 30 18.41 25.04 9.95
C ARG B 30 19.93 24.74 10.37
C ARG B 30 19.85 24.77 10.38
N SER B 31 20.07 24.84 11.68
CA SER B 31 21.39 24.64 12.29
C SER B 31 21.68 23.15 12.41
N GLY B 32 20.64 22.31 12.34
CA GLY B 32 20.84 20.88 12.47
C GLY B 32 21.13 20.37 13.89
N GLU B 33 20.76 21.17 14.88
CA GLU B 33 21.04 20.86 16.28
C GLU B 33 20.10 21.53 17.22
N ALA B 34 20.01 20.94 18.41
CA ALA B 34 19.18 21.45 19.50
C ALA B 34 20.03 21.44 20.77
N ARG B 35 19.69 22.31 21.72
CA ARG B 35 20.36 22.26 23.05
C ARG B 35 19.42 22.88 24.09
N CYS B 36 19.55 22.48 25.35
CA CYS B 36 18.81 23.15 26.41
C CYS B 36 19.72 23.49 27.57
N LEU B 37 19.39 24.62 28.19
CA LEU B 37 20.13 25.13 29.36
C LEU B 37 19.48 24.81 30.70
N GLY B 38 18.16 24.81 30.76
CA GLY B 38 17.49 24.62 32.06
C GLY B 38 16.97 23.21 32.15
N ASN B 39 15.83 23.04 32.81
CA ASN B 39 15.07 21.83 32.58
C ASN B 39 14.16 22.19 31.39
N PRO B 40 14.05 21.25 30.44
CA PRO B 40 13.28 21.36 29.19
C PRO B 40 11.85 21.85 29.36
N ARG B 41 11.18 21.46 30.44
CA ARG B 41 9.77 21.86 30.62
C ARG B 41 9.54 23.37 30.75
N SER B 42 10.55 24.10 31.14
CA SER B 42 10.34 25.52 31.23
C SER B 42 10.47 26.24 29.84
N GLU B 43 10.83 25.50 28.78
CA GLU B 43 10.66 25.99 27.41
C GLU B 43 9.70 25.11 26.64
N PRO B 44 8.39 25.12 26.98
CA PRO B 44 7.46 24.15 26.36
C PRO B 44 7.42 24.35 24.85
N GLU B 45 7.57 25.60 24.40
CA GLU B 45 7.57 25.85 22.90
C GLU B 45 8.70 25.17 22.16
N TYR B 46 9.86 25.02 22.82
CA TYR B 46 11.01 24.31 22.23
C TYR B 46 10.77 22.82 22.18
N VAL B 47 10.22 22.26 23.25
CA VAL B 47 9.85 20.85 23.23
C VAL B 47 8.81 20.59 22.08
N LYS B 48 7.80 21.41 21.94
CA LYS B 48 6.81 21.13 20.87
C LYS B 48 7.55 21.26 19.52
N ALA B 49 8.55 22.15 19.43
CA ALA B 49 9.30 22.23 18.19
C ALA B 49 9.93 20.91 17.79
N LEU B 50 10.56 20.26 18.78
CA LEU B 50 11.33 19.06 18.52
C LEU B 50 10.35 17.93 18.14
N TYR B 51 9.24 17.86 18.83
CA TYR B 51 8.21 16.86 18.49
C TYR B 51 7.71 17.06 17.06
N VAL B 52 7.40 18.30 16.70
CA VAL B 52 6.82 18.51 15.36
C VAL B 52 7.83 18.19 14.22
N ILE B 53 9.14 18.29 14.47
CA ILE B 53 10.11 17.90 13.39
C ILE B 53 10.48 16.37 13.38
N GLY B 54 9.93 15.63 14.36
CA GLY B 54 10.05 14.18 14.38
C GLY B 54 11.11 13.63 15.36
N ALA B 55 11.63 14.44 16.27
CA ALA B 55 12.51 13.95 17.36
C ALA B 55 11.75 12.98 18.32
N SER B 56 12.44 11.95 18.76
CA SER B 56 11.87 11.06 19.78
C SER B 56 12.66 11.27 21.06
N ARG B 57 13.70 12.12 20.98
CA ARG B 57 14.49 12.47 22.15
C ARG B 57 14.71 13.95 22.23
N ILE B 58 14.95 14.44 23.44
CA ILE B 58 15.33 15.83 23.67
C ILE B 58 16.56 15.96 24.61
N PRO B 59 17.37 17.04 24.42
CA PRO B 59 18.50 17.41 25.26
C PRO B 59 18.00 17.68 26.66
N VAL B 60 18.78 17.26 27.66
CA VAL B 60 18.54 17.65 29.07
C VAL B 60 19.22 19.04 29.26
N GLY B 61 19.05 19.68 30.42
CA GLY B 61 19.57 21.05 30.61
C GLY B 61 21.06 21.17 30.85
N ASP B 62 21.88 20.46 30.08
CA ASP B 62 23.32 20.49 30.35
C ASP B 62 24.05 21.40 29.36
N GLY B 63 23.30 21.96 28.40
CA GLY B 63 23.90 22.82 27.36
C GLY B 63 24.83 22.12 26.36
N CYS B 64 24.81 20.79 26.30
CA CYS B 64 25.46 20.03 25.20
C CYS B 64 24.54 20.06 23.93
N SER B 65 25.14 20.29 22.76
CA SER B 65 24.38 20.31 21.50
C SER B 65 24.18 18.89 21.04
N HIS B 66 23.02 18.64 20.45
CA HIS B 66 22.74 17.32 19.82
C HIS B 66 22.24 17.48 18.42
N THR B 67 22.70 16.58 17.56
CA THR B 67 22.27 16.53 16.19
C THR B 67 20.85 15.99 16.04
N LEU B 68 20.20 16.29 14.90
CA LEU B 68 18.93 15.66 14.53
C LEU B 68 18.99 14.11 14.58
N GLU B 69 20.13 13.56 14.18
CA GLU B 69 20.30 12.15 14.16
C GLU B 69 20.26 11.64 15.61
N GLU B 70 21.01 12.29 16.50
CA GLU B 70 20.97 11.92 17.94
C GLU B 70 19.60 12.14 18.56
N LEU B 71 18.82 13.09 18.02
CA LEU B 71 17.46 13.34 18.51
C LEU B 71 16.44 12.35 18.04
N GLY B 72 16.84 11.46 17.16
CA GLY B 72 15.96 10.45 16.57
C GLY B 72 15.17 10.92 15.36
N VAL B 73 15.46 12.11 14.81
CA VAL B 73 14.78 12.58 13.56
C VAL B 73 14.86 11.60 12.39
N PHE B 74 16.05 11.01 12.19
CA PHE B 74 16.29 10.04 11.11
C PHE B 74 15.90 8.60 11.48
N ASP B 75 15.34 8.36 12.65
CA ASP B 75 15.11 6.98 13.08
C ASP B 75 13.74 6.53 12.62
N ILE B 76 13.47 6.71 11.36
CA ILE B 76 12.17 6.34 10.89
C ILE B 76 12.41 5.37 9.75
N SER B 77 12.07 4.12 10.02
CA SER B 77 12.39 3.09 9.07
C SER B 77 11.44 1.95 9.31
N VAL B 78 11.02 1.37 8.21
CA VAL B 78 10.08 0.29 8.28
C VAL B 78 10.70 -0.96 8.99
N PRO B 79 9.90 -1.72 9.79
CA PRO B 79 10.46 -3.01 10.27
C PRO B 79 10.79 -3.96 9.15
N GLY B 80 11.95 -4.60 9.28
CA GLY B 80 12.41 -5.48 8.22
C GLY B 80 11.54 -6.68 7.88
N GLU B 81 10.66 -7.11 8.79
CA GLU B 81 9.86 -8.27 8.48
C GLU B 81 8.39 -7.88 8.27
N MET B 82 8.04 -6.59 8.46
CA MET B 82 6.67 -6.06 8.25
C MET B 82 5.58 -6.73 9.07
N VAL B 83 5.77 -6.83 10.35
CA VAL B 83 4.80 -7.45 11.23
C VAL B 83 4.35 -6.41 12.23
N PHE B 84 3.03 -6.23 12.35
CA PHE B 84 2.48 -5.13 13.17
C PHE B 84 1.41 -5.70 14.10
N PRO B 85 1.55 -5.48 15.42
CA PRO B 85 0.66 -6.18 16.36
C PRO B 85 -0.69 -5.47 16.54
N SER B 86 -0.93 -4.41 15.76
CA SER B 86 -2.28 -3.79 15.64
C SER B 86 -2.37 -2.82 14.42
N PRO B 87 -3.62 -2.47 13.98
CA PRO B 87 -3.87 -1.49 12.90
C PRO B 87 -3.25 -0.11 13.20
N LEU B 88 -3.31 0.35 14.45
CA LEU B 88 -2.70 1.66 14.76
C LEU B 88 -1.15 1.64 14.74
N ASP B 89 -0.60 0.53 15.26
CA ASP B 89 0.81 0.28 15.23
C ASP B 89 1.23 0.21 13.74
N PHE B 90 0.37 -0.45 12.93
CA PHE B 90 0.58 -0.51 11.47
C PHE B 90 0.63 0.91 10.85
N PHE B 91 -0.37 1.74 11.14
CA PHE B 91 -0.28 3.13 10.70
C PHE B 91 1.04 3.86 11.11
N GLU B 92 1.41 3.68 12.39
N GLU B 92 1.46 3.78 12.36
CA GLU B 92 2.53 4.33 13.12
CA GLU B 92 2.63 4.58 12.75
C GLU B 92 3.90 3.96 12.58
C GLU B 92 3.92 3.98 12.16
N ARG B 93 4.09 2.67 12.31
CA ARG B 93 5.36 2.02 11.96
C ARG B 93 5.49 1.56 10.51
N GLY B 94 4.39 1.47 9.76
CA GLY B 94 4.48 1.12 8.34
C GLY B 94 4.79 2.33 7.46
N LYS B 95 5.85 3.04 7.85
CA LYS B 95 6.30 4.32 7.30
C LYS B 95 7.85 4.22 7.25
N PRO B 96 8.50 4.97 6.33
CA PRO B 96 7.89 5.92 5.36
C PRO B 96 6.98 5.28 4.31
N THR B 97 6.05 6.07 3.82
CA THR B 97 5.44 5.75 2.50
C THR B 97 6.52 5.73 1.40
N PRO B 98 6.32 4.88 0.36
CA PRO B 98 7.31 4.57 -0.66
C PRO B 98 7.64 5.78 -1.50
N LEU B 99 8.93 5.93 -1.74
CA LEU B 99 9.45 6.91 -2.71
C LEU B 99 10.12 6.13 -3.83
N VAL B 100 9.60 6.27 -5.03
CA VAL B 100 10.01 5.45 -6.14
C VAL B 100 10.44 6.34 -7.35
N ARG B 101 11.65 6.13 -7.88
CA ARG B 101 12.16 6.92 -8.98
C ARG B 101 11.25 6.69 -10.22
N SER B 102 10.81 7.74 -10.89
CA SER B 102 9.97 7.44 -12.10
C SER B 102 10.86 7.27 -13.38
N ARG B 103 10.40 6.52 -14.38
CA ARG B 103 11.01 6.52 -15.74
C ARG B 103 10.62 7.74 -16.59
N LEU B 104 9.74 8.57 -16.08
CA LEU B 104 9.23 9.63 -16.91
C LEU B 104 10.32 10.65 -17.15
N GLN B 105 10.48 11.06 -18.39
CA GLN B 105 11.49 12.06 -18.72
C GLN B 105 10.93 13.47 -18.76
N LEU B 106 11.55 14.37 -18.01
CA LEU B 106 11.16 15.77 -17.98
C LEU B 106 12.35 16.48 -18.54
N PRO B 107 12.16 17.69 -19.07
CA PRO B 107 13.33 18.39 -19.64
C PRO B 107 14.25 18.98 -18.61
N ASN B 108 15.45 19.35 -19.05
CA ASN B 108 16.33 20.17 -18.23
C ASN B 108 16.76 19.48 -16.94
N GLY B 109 16.94 18.17 -17.04
CA GLY B 109 17.58 17.40 -15.97
C GLY B 109 16.72 17.36 -14.72
N VAL B 110 15.41 17.54 -14.87
CA VAL B 110 14.51 17.42 -13.73
C VAL B 110 14.12 15.94 -13.54
N ARG B 111 14.62 15.31 -12.47
CA ARG B 111 14.39 13.85 -12.20
C ARG B 111 13.22 13.63 -11.21
N VAL B 112 12.20 12.90 -11.63
CA VAL B 112 11.00 12.75 -10.85
C VAL B 112 11.01 11.49 -9.95
N TRP B 113 10.62 11.68 -8.69
CA TRP B 113 10.37 10.60 -7.76
C TRP B 113 8.95 10.78 -7.27
N LEU B 114 8.19 9.69 -7.17
CA LEU B 114 6.83 9.71 -6.67
C LEU B 114 6.77 9.25 -5.22
N LYS B 115 6.18 10.05 -4.33
CA LYS B 115 5.89 9.58 -2.96
C LYS B 115 4.45 9.08 -2.87
N LEU B 116 4.32 7.81 -2.52
CA LEU B 116 3.01 7.15 -2.79
C LEU B 116 2.15 7.07 -1.52
N GLU B 117 1.33 8.11 -1.33
CA GLU B 117 0.53 8.29 -0.11
C GLU B 117 -0.65 7.32 0.04
N TRP B 118 -0.94 6.56 -1.00
CA TRP B 118 -1.99 5.57 -0.92
C TRP B 118 -1.57 4.34 -0.08
N TYR B 119 -0.29 4.33 0.31
CA TYR B 119 0.28 3.32 1.18
C TYR B 119 -0.16 3.51 2.61
N ASN B 120 -0.85 4.61 2.89
CA ASN B 120 -1.64 4.72 4.13
C ASN B 120 -2.82 3.74 4.20
N PRO B 121 -2.93 3.01 5.31
CA PRO B 121 -3.76 1.80 5.48
C PRO B 121 -5.26 1.94 5.52
N PHE B 122 -5.77 3.11 5.87
CA PHE B 122 -7.21 3.19 6.18
C PHE B 122 -7.96 3.74 4.96
N SER B 123 -7.64 4.98 4.58
CA SER B 123 -8.25 5.70 3.46
C SER B 123 -7.49 5.52 2.13
N LEU B 124 -6.43 4.73 2.13
CA LEU B 124 -5.52 4.62 0.93
C LEU B 124 -5.22 5.98 0.36
N SER B 125 -4.95 6.91 1.28
CA SER B 125 -4.65 8.27 0.92
C SER B 125 -3.84 8.95 1.98
N VAL B 126 -3.27 10.09 1.57
CA VAL B 126 -2.58 11.07 2.41
C VAL B 126 -3.35 11.56 3.65
N LYS B 127 -4.69 11.53 3.60
CA LYS B 127 -5.54 12.00 4.70
C LYS B 127 -5.53 11.15 5.97
N ASP B 128 -4.94 9.97 5.94
CA ASP B 128 -4.84 9.20 7.20
C ASP B 128 -4.02 9.97 8.26
N ARG B 129 -3.06 10.76 7.81
CA ARG B 129 -2.09 11.25 8.75
C ARG B 129 -2.72 12.34 9.61
N PRO B 130 -3.45 13.32 8.97
CA PRO B 130 -4.09 14.31 9.77
C PRO B 130 -5.19 13.71 10.65
N ALA B 131 -5.89 12.69 10.15
CA ALA B 131 -7.01 12.08 10.89
C ALA B 131 -6.47 11.47 12.15
N VAL B 132 -5.31 10.81 12.08
CA VAL B 132 -4.74 10.16 13.29
C VAL B 132 -4.27 11.21 14.30
N GLU B 133 -3.54 12.24 13.85
CA GLU B 133 -3.00 13.28 14.76
C GLU B 133 -4.14 14.06 15.45
N ILE B 134 -5.15 14.42 14.64
CA ILE B 134 -6.30 15.15 15.16
C ILE B 134 -7.09 14.32 16.16
N ILE B 135 -7.28 13.05 15.90
CA ILE B 135 -8.07 12.27 16.87
C ILE B 135 -7.22 11.91 18.10
N SER B 136 -5.98 11.53 17.93
CA SER B 136 -5.16 11.29 19.13
C SER B 136 -5.09 12.48 20.06
N ARG B 137 -4.90 13.67 19.49
CA ARG B 137 -4.78 14.93 20.23
C ARG B 137 -6.02 15.16 21.11
N LEU B 138 -7.18 14.87 20.58
CA LEU B 138 -8.34 15.20 21.29
C LEU B 138 -8.72 14.06 22.20
N SER B 139 -8.01 12.96 22.10
CA SER B 139 -8.39 11.77 22.86
C SER B 139 -8.15 11.85 24.39
N ARG B 140 -7.53 12.90 24.88
CA ARG B 140 -7.50 13.01 26.34
C ARG B 140 -7.99 14.42 26.74
N ARG B 141 -9.15 14.81 26.20
CA ARG B 141 -10.03 15.81 26.77
C ARG B 141 -11.43 15.28 26.48
N VAL B 142 -11.68 14.93 25.21
CA VAL B 142 -13.00 14.46 24.77
C VAL B 142 -13.40 13.04 25.19
N GLU B 143 -14.56 12.94 25.87
CA GLU B 143 -15.14 11.69 26.33
C GLU B 143 -15.38 10.72 25.18
N LYS B 144 -14.99 9.45 25.41
CA LYS B 144 -15.23 8.39 24.47
C LYS B 144 -16.72 8.25 24.23
N GLY B 145 -17.09 7.87 23.03
CA GLY B 145 -18.52 7.76 22.74
C GLY B 145 -18.99 9.03 22.08
N SER B 146 -18.22 10.13 22.23
CA SER B 146 -18.55 11.41 21.57
C SER B 146 -18.64 11.28 20.06
N LEU B 147 -19.43 12.12 19.42
CA LEU B 147 -19.46 12.24 17.97
C LEU B 147 -18.43 13.28 17.45
N VAL B 148 -17.63 12.88 16.48
CA VAL B 148 -16.74 13.81 15.81
C VAL B 148 -17.16 13.90 14.32
N ALA B 149 -17.06 15.06 13.72
CA ALA B 149 -17.59 15.27 12.37
C ALA B 149 -16.71 16.24 11.61
N ASP B 150 -16.81 16.25 10.27
CA ASP B 150 -16.25 17.36 9.41
C ASP B 150 -16.88 17.33 8.02
N ALA B 151 -16.50 18.34 7.24
CA ALA B 151 -16.77 18.46 5.80
C ALA B 151 -15.58 17.83 5.07
N THR B 152 -15.84 17.08 3.99
CA THR B 152 -14.81 16.45 3.20
C THR B 152 -15.17 16.41 1.69
N SER B 153 -14.14 16.44 0.82
CA SER B 153 -14.28 15.97 -0.62
C SER B 153 -14.39 14.43 -0.75
N SER B 154 -13.90 13.68 0.26
CA SER B 154 -14.07 12.19 0.31
C SER B 154 -12.99 11.54 1.19
N ASN B 155 -11.72 11.87 0.88
CA ASN B 155 -10.58 11.14 1.58
C ASN B 155 -10.56 11.34 3.11
N PHE B 156 -10.71 12.60 3.51
CA PHE B 156 -10.63 12.86 4.90
C PHE B 156 -11.80 12.17 5.68
N GLY B 157 -13.00 12.15 5.10
CA GLY B 157 -14.13 11.52 5.76
C GLY B 157 -13.89 10.03 5.94
N VAL B 158 -13.22 9.40 4.95
CA VAL B 158 -12.92 7.96 5.09
C VAL B 158 -11.88 7.76 6.23
N ALA B 159 -10.86 8.61 6.26
CA ALA B 159 -9.74 8.46 7.22
C ALA B 159 -10.34 8.67 8.64
N LEU B 160 -11.13 9.75 8.77
CA LEU B 160 -11.78 10.13 10.02
C LEU B 160 -12.71 8.99 10.53
N SER B 161 -13.46 8.39 9.61
CA SER B 161 -14.38 7.33 9.98
C SER B 161 -13.65 6.11 10.54
N ALA B 162 -12.63 5.65 9.83
CA ALA B 162 -11.75 4.57 10.28
C ALA B 162 -11.06 4.87 11.62
N VAL B 163 -10.50 6.07 11.71
CA VAL B 163 -9.68 6.40 12.87
C VAL B 163 -10.57 6.55 14.13
N ALA B 164 -11.78 7.07 13.89
CA ALA B 164 -12.80 7.17 14.88
C ALA B 164 -13.03 5.85 15.57
N ARG B 165 -13.21 4.80 14.79
CA ARG B 165 -13.40 3.42 15.31
C ARG B 165 -12.23 2.95 16.18
N LEU B 166 -11.03 3.30 15.75
CA LEU B 166 -9.84 2.84 16.39
C LEU B 166 -9.64 3.51 17.73
N TYR B 167 -10.20 4.71 17.88
CA TYR B 167 -10.09 5.46 19.14
C TYR B 167 -11.35 5.56 20.00
N GLY B 168 -12.48 4.97 19.60
CA GLY B 168 -13.65 4.85 20.51
C GLY B 168 -14.62 6.02 20.38
N TYR B 169 -14.60 6.67 19.20
CA TYR B 169 -15.51 7.78 18.82
C TYR B 169 -16.50 7.36 17.75
N ARG B 170 -17.63 8.07 17.69
CA ARG B 170 -18.57 7.92 16.59
C ARG B 170 -18.23 9.01 15.54
N ALA B 171 -18.60 8.82 14.29
CA ALA B 171 -18.20 9.77 13.34
C ALA B 171 -19.33 10.17 12.43
N ARG B 172 -19.21 11.37 11.88
CA ARG B 172 -20.22 11.84 10.94
C ARG B 172 -19.48 12.66 9.88
N VAL B 173 -19.86 12.45 8.62
CA VAL B 173 -19.22 13.06 7.50
C VAL B 173 -20.24 13.80 6.62
N TYR B 174 -19.86 15.02 6.20
CA TYR B 174 -20.60 15.88 5.36
C TYR B 174 -19.81 16.02 4.07
N LEU B 175 -20.46 15.70 2.94
CA LEU B 175 -19.88 15.83 1.59
C LEU B 175 -20.83 16.63 0.66
N PRO B 176 -20.23 17.34 -0.30
CA PRO B 176 -21.04 17.88 -1.43
C PRO B 176 -21.49 16.79 -2.38
N GLY B 177 -22.56 17.08 -3.15
CA GLY B 177 -23.07 16.13 -4.17
C GLY B 177 -22.02 15.72 -5.17
N ALA B 178 -21.12 16.63 -5.51
CA ALA B 178 -20.04 16.32 -6.48
C ALA B 178 -18.88 15.43 -5.98
N ALA B 179 -18.91 15.00 -4.73
CA ALA B 179 -17.90 14.04 -4.22
C ALA B 179 -17.97 12.67 -4.94
N GLU B 180 -16.85 11.94 -4.93
CA GLU B 180 -16.83 10.54 -5.42
C GLU B 180 -17.71 9.59 -4.57
N GLU B 181 -18.17 8.50 -5.21
CA GLU B 181 -19.00 7.52 -4.55
C GLU B 181 -18.30 6.79 -3.40
N PHE B 182 -16.98 6.59 -3.56
CA PHE B 182 -16.24 5.91 -2.49
C PHE B 182 -16.33 6.74 -1.21
N GLY B 183 -16.34 8.06 -1.38
CA GLY B 183 -16.43 8.99 -0.27
C GLY B 183 -17.79 8.99 0.40
N LYS B 184 -18.83 8.77 -0.39
CA LYS B 184 -20.19 8.69 0.19
C LYS B 184 -20.42 7.35 0.84
N LEU B 185 -19.75 6.31 0.35
CA LEU B 185 -20.07 4.96 0.76
C LEU B 185 -19.14 4.39 1.84
N LEU B 186 -17.82 4.59 1.72
CA LEU B 186 -16.94 3.85 2.65
C LEU B 186 -17.07 4.34 4.10
N PRO B 187 -17.42 5.64 4.34
CA PRO B 187 -17.74 5.98 5.73
C PRO B 187 -18.88 5.11 6.31
N ARG B 188 -19.95 4.86 5.55
CA ARG B 188 -20.96 3.88 6.02
C ARG B 188 -20.41 2.50 6.28
N LEU B 189 -19.61 1.96 5.36
CA LEU B 189 -18.97 0.66 5.67
C LEU B 189 -18.26 0.69 7.06
N LEU B 190 -17.59 1.84 7.31
CA LEU B 190 -16.79 2.03 8.53
C LEU B 190 -17.63 2.38 9.77
N GLY B 191 -18.97 2.49 9.61
CA GLY B 191 -19.87 2.70 10.75
C GLY B 191 -20.26 4.13 11.08
N ALA B 192 -19.90 5.05 10.19
CA ALA B 192 -20.15 6.46 10.34
C ALA B 192 -21.47 6.85 9.64
N GLN B 193 -22.03 7.99 10.07
CA GLN B 193 -23.18 8.61 9.42
C GLN B 193 -22.70 9.52 8.26
N VAL B 194 -23.46 9.56 7.18
CA VAL B 194 -23.06 10.32 6.00
C VAL B 194 -24.13 11.30 5.62
N ILE B 195 -23.75 12.55 5.45
CA ILE B 195 -24.69 13.56 5.03
C ILE B 195 -24.17 14.15 3.73
N VAL B 196 -24.97 14.00 2.68
CA VAL B 196 -24.59 14.48 1.37
C VAL B 196 -25.48 15.64 1.00
N ASP B 197 -24.90 16.80 0.66
CA ASP B 197 -25.69 17.95 0.23
C ASP B 197 -25.56 18.15 -1.26
N PRO B 198 -26.61 17.77 -2.01
CA PRO B 198 -26.56 17.79 -3.47
C PRO B 198 -26.39 19.23 -4.03
N GLU B 199 -26.78 20.23 -3.25
CA GLU B 199 -26.73 21.58 -3.76
C GLU B 199 -25.39 22.28 -3.48
N ALA B 200 -24.56 21.70 -2.60
CA ALA B 200 -23.30 22.38 -2.20
C ALA B 200 -22.22 22.30 -3.27
N PRO B 201 -21.64 23.44 -3.67
CA PRO B 201 -20.74 23.47 -4.83
C PRO B 201 -19.23 23.34 -4.51
N SER B 202 -18.90 23.09 -3.23
CA SER B 202 -17.53 22.89 -2.78
C SER B 202 -17.62 22.31 -1.37
N THR B 203 -16.51 21.74 -0.93
CA THR B 203 -16.44 21.24 0.41
C THR B 203 -16.54 22.38 1.41
N VAL B 204 -15.80 23.47 1.18
CA VAL B 204 -15.78 24.58 2.17
C VAL B 204 -17.13 25.26 2.34
N HIS B 205 -17.94 25.27 1.27
N HIS B 205 -17.95 25.28 1.28
CA HIS B 205 -19.35 25.74 1.36
CA HIS B 205 -19.35 25.76 1.37
C HIS B 205 -20.07 25.12 2.53
C HIS B 205 -20.20 25.03 2.41
N LEU B 206 -19.72 23.88 2.88
CA LEU B 206 -20.46 23.14 3.95
C LEU B 206 -20.10 23.54 5.37
N LEU B 207 -18.98 24.25 5.53
CA LEU B 207 -18.48 24.57 6.91
C LEU B 207 -19.54 25.27 7.82
N PRO B 208 -20.24 26.35 7.30
CA PRO B 208 -21.23 27.04 8.15
C PRO B 208 -22.28 26.07 8.65
N ARG B 209 -22.70 25.14 7.83
CA ARG B 209 -23.69 24.20 8.34
C ARG B 209 -23.16 23.20 9.37
N VAL B 210 -21.90 22.85 9.24
CA VAL B 210 -21.32 21.87 10.16
C VAL B 210 -21.24 22.58 11.53
N MET B 211 -20.81 23.83 11.52
CA MET B 211 -20.63 24.66 12.72
C MET B 211 -21.92 24.88 13.43
N LYS B 212 -22.97 25.11 12.64
CA LYS B 212 -24.30 25.25 13.19
C LYS B 212 -24.81 23.94 13.78
N ASP B 213 -24.79 22.82 13.05
CA ASP B 213 -25.15 21.55 13.67
C ASP B 213 -24.29 21.22 14.92
N SER B 214 -23.02 21.59 14.89
CA SER B 214 -22.15 21.36 16.05
C SER B 214 -22.69 22.02 17.31
N LYS B 215 -23.02 23.30 17.16
CA LYS B 215 -23.65 24.09 18.21
C LYS B 215 -24.98 23.53 18.68
N ASN B 216 -25.81 23.05 17.77
CA ASN B 216 -27.05 22.45 18.17
C ASN B 216 -26.89 21.08 18.84
N GLU B 217 -26.11 20.19 18.21
CA GLU B 217 -26.14 18.81 18.59
C GLU B 217 -25.03 18.50 19.59
N GLY B 218 -24.02 19.37 19.64
CA GLY B 218 -22.92 19.17 20.57
C GLY B 218 -21.88 18.12 20.16
N PHE B 219 -21.66 17.95 18.86
CA PHE B 219 -20.62 17.06 18.39
C PHE B 219 -19.34 17.88 18.20
N VAL B 220 -18.18 17.22 18.11
CA VAL B 220 -16.92 17.96 18.04
C VAL B 220 -16.66 18.23 16.59
N HIS B 221 -16.64 19.48 16.13
CA HIS B 221 -16.35 19.70 14.72
C HIS B 221 -14.82 19.71 14.60
N VAL B 222 -14.19 18.70 13.98
CA VAL B 222 -12.66 18.59 14.09
C VAL B 222 -11.95 19.56 13.16
N ASN B 223 -12.73 20.09 12.22
CA ASN B 223 -12.28 21.12 11.31
C ASN B 223 -10.83 21.04 10.76
N GLN B 224 -10.61 20.17 9.76
CA GLN B 224 -9.30 19.92 9.12
C GLN B 224 -8.75 21.19 8.47
N PHE B 225 -9.63 22.13 8.09
CA PHE B 225 -9.26 23.36 7.43
C PHE B 225 -8.56 24.34 8.39
N TYR B 226 -8.73 24.18 9.70
CA TYR B 226 -8.25 25.19 10.63
C TYR B 226 -7.47 24.53 11.78
N ASN B 227 -7.54 23.21 11.88
CA ASN B 227 -7.04 22.54 13.10
C ASN B 227 -5.55 22.36 12.96
N ASP B 228 -4.75 22.92 13.85
CA ASP B 228 -3.29 22.82 13.70
C ASP B 228 -2.74 21.41 13.69
N ALA B 229 -3.46 20.48 14.29
CA ALA B 229 -2.89 19.13 14.23
C ALA B 229 -2.80 18.57 12.78
N ASN B 230 -3.52 19.19 11.81
CA ASN B 230 -3.43 18.78 10.44
C ASN B 230 -1.99 19.13 9.95
N PHE B 231 -1.62 20.40 9.98
CA PHE B 231 -0.27 20.77 9.62
C PHE B 231 0.81 19.99 10.40
N GLU B 232 0.58 19.69 11.67
CA GLU B 232 1.63 19.10 12.51
C GLU B 232 1.84 17.67 12.13
N ALA B 233 0.72 16.98 11.80
CA ALA B 233 0.77 15.60 11.29
C ALA B 233 1.76 15.45 10.10
N HIS B 234 1.64 16.39 9.15
CA HIS B 234 2.51 16.44 7.98
C HIS B 234 3.93 16.89 8.29
N MET B 235 4.13 17.65 9.37
CA MET B 235 5.48 18.06 9.71
C MET B 235 6.20 16.82 10.15
N ARG B 236 5.54 16.06 11.02
CA ARG B 236 6.09 14.93 11.72
C ARG B 236 6.18 13.74 10.78
N GLY B 237 5.24 13.65 9.83
CA GLY B 237 5.16 12.44 8.97
C GLY B 237 5.67 12.76 7.58
N THR B 238 4.75 13.11 6.68
CA THR B 238 5.10 13.41 5.26
C THR B 238 6.40 14.25 5.02
N ALA B 239 6.56 15.40 5.69
CA ALA B 239 7.69 16.29 5.38
C ALA B 239 9.00 15.75 5.95
N ARG B 240 8.93 15.24 7.18
CA ARG B 240 10.09 14.64 7.83
C ARG B 240 10.53 13.48 7.01
N GLU B 241 9.54 12.72 6.52
CA GLU B 241 9.87 11.59 5.59
C GLU B 241 10.54 12.03 4.29
N ILE B 242 10.00 13.01 3.57
CA ILE B 242 10.73 13.46 2.38
C ILE B 242 12.21 13.83 2.74
N PHE B 243 12.41 14.54 3.83
CA PHE B 243 13.75 14.96 4.27
C PHE B 243 14.67 13.74 4.51
N VAL B 244 14.19 12.84 5.36
CA VAL B 244 14.98 11.64 5.67
C VAL B 244 15.20 10.74 4.47
N GLN B 245 14.13 10.52 3.70
CA GLN B 245 14.24 9.67 2.49
C GLN B 245 15.27 10.31 1.50
N SER B 246 15.21 11.63 1.32
CA SER B 246 16.20 12.29 0.47
C SER B 246 17.64 12.05 0.94
N ARG B 247 17.90 12.22 2.24
CA ARG B 247 19.25 12.02 2.71
C ARG B 247 19.72 10.58 2.51
N ARG B 248 18.99 9.58 3.05
CA ARG B 248 19.45 8.17 3.03
C ARG B 248 19.38 7.59 1.66
N GLY B 249 18.47 8.11 0.85
CA GLY B 249 18.30 7.57 -0.48
C GLY B 249 19.33 8.21 -1.36
N GLY B 250 20.10 9.17 -0.90
CA GLY B 250 21.05 9.77 -1.86
C GLY B 250 20.46 10.69 -2.94
N LEU B 251 19.31 11.34 -2.75
CA LEU B 251 18.84 12.33 -3.74
C LEU B 251 19.60 13.62 -3.62
N ALA B 252 19.82 14.31 -4.73
CA ALA B 252 20.15 15.72 -4.66
C ALA B 252 18.81 16.51 -4.68
N LEU B 253 18.19 16.72 -3.51
CA LEU B 253 16.78 17.19 -3.45
C LEU B 253 16.70 18.68 -3.73
N ARG B 254 16.03 19.03 -4.83
CA ARG B 254 15.95 20.46 -5.20
C ARG B 254 14.51 21.06 -5.17
N GLY B 255 13.49 20.21 -4.93
CA GLY B 255 12.16 20.78 -4.75
C GLY B 255 11.10 19.71 -4.54
N VAL B 256 9.93 20.09 -4.06
CA VAL B 256 8.82 19.14 -3.99
C VAL B 256 7.69 19.74 -4.82
N ALA B 257 6.75 18.92 -5.25
CA ALA B 257 5.59 19.43 -5.98
C ALA B 257 4.41 18.72 -5.40
N GLY B 258 3.27 19.39 -5.31
CA GLY B 258 2.11 18.80 -4.78
C GLY B 258 0.91 19.69 -5.01
N SER B 259 -0.20 19.23 -4.46
CA SER B 259 -1.47 19.96 -4.59
C SER B 259 -1.97 20.46 -3.20
N LEU B 260 -3.04 21.26 -3.26
CA LEU B 260 -3.60 21.98 -2.09
C LEU B 260 -5.07 21.71 -1.90
N GLY B 261 -5.42 21.21 -0.70
CA GLY B 261 -6.85 21.14 -0.30
C GLY B 261 -7.12 22.09 0.86
N THR B 262 -6.81 21.60 2.06
CA THR B 262 -6.65 22.43 3.22
C THR B 262 -5.32 23.19 3.17
N SER B 263 -4.42 22.71 2.33
CA SER B 263 -2.99 23.12 2.25
C SER B 263 -2.13 22.49 3.38
N GLY B 264 -2.73 21.64 4.24
CA GLY B 264 -1.96 20.83 5.20
C GLY B 264 -0.60 20.20 4.79
N HIS B 265 -0.61 19.31 3.79
CA HIS B 265 0.60 18.58 3.46
C HIS B 265 1.72 19.37 2.73
N MET B 266 1.35 20.21 1.77
CA MET B 266 2.37 21.00 1.09
C MET B 266 2.94 22.14 1.91
N SER B 267 2.14 22.76 2.77
CA SER B 267 2.67 23.76 3.68
C SER B 267 3.75 23.13 4.60
N ALA B 268 3.44 21.93 5.14
CA ALA B 268 4.41 21.21 5.98
C ALA B 268 5.66 20.90 5.13
N ALA B 269 5.45 20.32 3.92
CA ALA B 269 6.61 19.95 3.11
C ALA B 269 7.46 21.21 2.82
N ALA B 270 6.84 22.30 2.36
CA ALA B 270 7.64 23.51 2.07
C ALA B 270 8.29 24.10 3.35
N PHE B 271 7.52 24.16 4.46
CA PHE B 271 8.02 24.83 5.66
C PHE B 271 9.27 24.09 6.18
N TYR B 272 9.15 22.77 6.19
CA TYR B 272 10.11 21.89 6.80
C TYR B 272 11.35 21.95 5.89
N LEU B 273 11.20 21.61 4.64
CA LEU B 273 12.38 21.51 3.76
C LEU B 273 13.11 22.85 3.56
N GLN B 274 12.34 23.94 3.45
CA GLN B 274 12.96 25.32 3.30
C GLN B 274 13.68 25.80 4.57
N SER B 275 13.27 25.26 5.74
CA SER B 275 14.02 25.42 6.98
C SER B 275 15.44 24.88 6.85
N VAL B 276 15.58 23.67 6.30
CA VAL B 276 16.86 23.05 6.11
C VAL B 276 17.63 23.81 4.98
N ASP B 277 16.96 24.05 3.83
CA ASP B 277 17.58 24.74 2.73
C ASP B 277 16.54 25.56 1.98
N PRO B 278 16.55 26.90 2.20
CA PRO B 278 15.54 27.74 1.67
C PRO B 278 15.59 27.87 0.14
N SER B 279 16.59 27.27 -0.53
CA SER B 279 16.54 27.20 -2.00
C SER B 279 15.67 26.01 -2.52
N ILE B 280 15.17 25.15 -1.64
CA ILE B 280 14.36 24.07 -2.13
C ILE B 280 13.00 24.63 -2.63
N ARG B 281 12.59 24.28 -3.84
N ARG B 281 12.59 24.28 -3.84
CA ARG B 281 11.31 24.79 -4.36
CA ARG B 281 11.33 24.82 -4.44
C ARG B 281 10.07 24.10 -3.77
C ARG B 281 10.05 24.06 -4.07
N ALA B 282 8.93 24.77 -3.91
CA ALA B 282 7.65 24.11 -3.78
C ALA B 282 6.83 24.51 -5.01
N VAL B 283 6.61 23.53 -5.88
CA VAL B 283 5.82 23.74 -7.07
C VAL B 283 4.40 23.27 -6.71
N LEU B 284 3.45 24.18 -6.72
CA LEU B 284 2.13 23.85 -6.32
C LEU B 284 1.12 23.98 -7.46
N VAL B 285 0.16 23.04 -7.45
CA VAL B 285 -0.94 23.00 -8.37
C VAL B 285 -2.00 24.08 -8.11
N GLN B 286 -2.33 24.80 -9.19
CA GLN B 286 -3.47 25.73 -9.27
C GLN B 286 -4.44 25.15 -10.30
N PRO B 287 -5.48 24.41 -9.88
CA PRO B 287 -6.51 23.91 -10.81
C PRO B 287 -7.03 25.12 -11.64
N ALA B 288 -6.94 25.02 -12.96
CA ALA B 288 -7.37 26.09 -13.91
C ALA B 288 -8.77 26.56 -13.52
N GLN B 289 -9.00 27.87 -13.58
N GLN B 289 -9.00 27.86 -13.66
CA GLN B 289 -10.34 28.42 -13.31
CA GLN B 289 -10.33 28.47 -13.53
C GLN B 289 -11.38 27.66 -14.13
C GLN B 289 -11.39 27.60 -14.19
N GLY B 290 -12.45 27.26 -13.45
CA GLY B 290 -13.53 26.41 -14.02
C GLY B 290 -13.41 24.87 -14.04
N ASP B 291 -12.24 24.33 -13.72
CA ASP B 291 -12.08 22.87 -13.69
C ASP B 291 -12.18 22.35 -12.24
N SER B 292 -12.61 21.09 -12.12
CA SER B 292 -12.61 20.40 -10.81
C SER B 292 -11.68 19.19 -10.78
N ILE B 293 -10.61 19.30 -10.00
CA ILE B 293 -9.75 18.16 -9.75
C ILE B 293 -10.10 17.61 -8.36
N PRO B 294 -10.69 16.41 -8.30
CA PRO B 294 -11.15 15.92 -6.97
C PRO B 294 -10.07 16.10 -5.87
N GLY B 295 -10.53 16.61 -4.72
CA GLY B 295 -9.74 16.79 -3.56
C GLY B 295 -9.06 18.13 -3.41
N ILE B 296 -8.96 18.91 -4.50
CA ILE B 296 -8.09 20.09 -4.48
C ILE B 296 -8.73 21.39 -4.91
N ARG B 297 -8.07 22.49 -4.58
CA ARG B 297 -8.66 23.86 -4.75
C ARG B 297 -7.60 24.87 -5.20
N ARG B 298 -8.11 25.99 -5.68
CA ARG B 298 -7.28 27.18 -5.87
C ARG B 298 -6.95 27.87 -4.50
N VAL B 299 -5.75 28.43 -4.39
CA VAL B 299 -5.34 29.14 -3.17
C VAL B 299 -6.34 30.22 -2.70
N GLU B 300 -6.68 31.12 -3.61
CA GLU B 300 -7.39 32.31 -3.17
C GLU B 300 -8.78 32.04 -2.58
N THR B 301 -9.26 30.79 -2.62
CA THR B 301 -10.55 30.45 -1.96
C THR B 301 -10.34 30.29 -0.44
N GLY B 302 -9.06 30.34 -0.02
CA GLY B 302 -8.73 30.64 1.39
C GLY B 302 -8.20 29.45 2.18
N MET B 303 -6.97 29.59 2.69
CA MET B 303 -6.17 28.47 3.14
C MET B 303 -5.25 28.91 4.29
N LEU B 304 -5.28 28.17 5.39
CA LEU B 304 -4.63 28.68 6.57
C LEU B 304 -3.08 28.71 6.48
N TRP B 305 -2.44 27.55 6.44
CA TRP B 305 -1.00 27.53 6.76
C TRP B 305 -0.13 28.13 5.66
N ILE B 306 -0.59 27.94 4.42
CA ILE B 306 0.20 28.33 3.30
C ILE B 306 0.31 29.86 3.23
N ASN B 307 -0.73 30.55 3.69
CA ASN B 307 -0.79 32.02 3.81
C ASN B 307 -0.15 32.60 5.09
N MET B 308 -0.35 31.97 6.25
CA MET B 308 0.15 32.55 7.49
C MET B 308 1.61 32.31 7.75
N LEU B 309 2.21 31.32 7.14
CA LEU B 309 3.54 30.87 7.48
C LEU B 309 4.54 31.42 6.49
N ASP B 310 5.77 31.58 6.95
CA ASP B 310 6.88 32.10 6.17
C ASP B 310 7.46 31.01 5.23
N ILE B 311 6.88 30.92 4.03
CA ILE B 311 6.98 29.77 3.09
C ILE B 311 7.11 30.34 1.63
N SER B 312 8.08 29.90 0.82
CA SER B 312 8.12 30.25 -0.61
C SER B 312 7.49 29.17 -1.47
N TYR B 313 6.77 29.57 -2.51
CA TYR B 313 6.25 28.59 -3.46
C TYR B 313 6.03 29.19 -4.86
N THR B 314 5.90 28.34 -5.89
CA THR B 314 5.43 28.78 -7.20
C THR B 314 4.13 28.03 -7.50
N LEU B 315 3.21 28.74 -8.18
CA LEU B 315 1.97 28.15 -8.67
C LEU B 315 2.10 27.74 -10.11
N ALA B 316 1.43 26.65 -10.51
CA ALA B 316 1.34 26.37 -11.94
C ALA B 316 -0.07 25.99 -12.26
N GLU B 317 -0.63 26.58 -13.32
CA GLU B 317 -2.02 26.27 -13.71
C GLU B 317 -2.10 24.92 -14.38
N VAL B 318 -3.02 24.09 -13.92
CA VAL B 318 -3.17 22.79 -14.55
C VAL B 318 -4.67 22.55 -14.78
N THR B 319 -5.05 22.14 -15.98
CA THR B 319 -6.47 21.78 -16.21
C THR B 319 -6.71 20.34 -15.76
N LEU B 320 -7.98 19.95 -15.59
CA LEU B 320 -8.30 18.56 -15.40
C LEU B 320 -7.71 17.67 -16.50
N GLU B 321 -7.88 18.11 -17.74
CA GLU B 321 -7.51 17.25 -18.83
C GLU B 321 -5.99 17.02 -18.78
N GLU B 322 -5.21 18.07 -18.53
CA GLU B 322 -3.76 17.90 -18.34
C GLU B 322 -3.40 16.97 -17.13
N ALA B 323 -4.07 17.17 -15.99
CA ALA B 323 -3.85 16.29 -14.82
C ALA B 323 -3.99 14.86 -15.28
N MET B 324 -5.13 14.57 -15.94
CA MET B 324 -5.42 13.23 -16.42
C MET B 324 -4.46 12.67 -17.46
N GLU B 325 -3.90 13.50 -18.34
CA GLU B 325 -2.95 12.96 -19.29
C GLU B 325 -1.63 12.53 -18.62
N ALA B 326 -1.19 13.27 -17.60
CA ALA B 326 -0.05 12.81 -16.75
C ALA B 326 -0.38 11.47 -16.09
N VAL B 327 -1.63 11.28 -15.64
CA VAL B 327 -1.97 9.96 -15.14
C VAL B 327 -1.62 8.84 -16.15
N VAL B 328 -2.01 9.09 -17.40
CA VAL B 328 -1.86 8.11 -18.45
C VAL B 328 -0.38 7.86 -18.70
N GLU B 329 0.39 8.92 -18.70
CA GLU B 329 1.79 8.79 -19.05
C GLU B 329 2.57 8.12 -17.96
N VAL B 330 2.19 8.41 -16.71
CA VAL B 330 2.88 7.72 -15.59
C VAL B 330 2.52 6.22 -15.64
N ALA B 331 1.23 5.89 -15.87
CA ALA B 331 0.80 4.49 -16.02
C ALA B 331 1.58 3.74 -17.12
N ARG B 332 1.80 4.40 -18.25
CA ARG B 332 2.53 3.80 -19.39
C ARG B 332 4.04 3.87 -19.27
N SER B 333 4.55 4.74 -18.42
CA SER B 333 5.98 4.76 -18.15
C SER B 333 6.41 3.77 -17.06
N ASP B 334 5.61 3.71 -15.99
CA ASP B 334 6.04 3.21 -14.72
C ASP B 334 5.18 2.06 -14.25
N GLY B 335 3.99 1.93 -14.84
CA GLY B 335 3.12 0.82 -14.46
C GLY B 335 2.31 1.08 -13.22
N LEU B 336 2.32 2.34 -12.79
CA LEU B 336 1.70 2.80 -11.53
C LEU B 336 0.53 3.68 -11.91
N VAL B 337 -0.58 3.40 -11.26
CA VAL B 337 -1.80 4.11 -11.43
C VAL B 337 -2.07 5.11 -10.30
N ILE B 338 -1.81 6.39 -10.60
CA ILE B 338 -1.87 7.46 -9.60
C ILE B 338 -3.18 8.22 -9.78
N GLY B 339 -3.55 9.02 -8.76
CA GLY B 339 -4.77 9.79 -8.79
C GLY B 339 -4.70 11.12 -9.52
N PRO B 340 -5.87 11.70 -9.79
CA PRO B 340 -5.96 12.97 -10.55
C PRO B 340 -5.11 14.09 -9.96
N SER B 341 -5.17 14.30 -8.64
CA SER B 341 -4.36 15.36 -8.02
C SER B 341 -2.84 15.00 -8.04
N GLY B 342 -2.48 13.71 -8.08
CA GLY B 342 -1.06 13.31 -8.34
C GLY B 342 -0.62 13.62 -9.78
N GLY B 343 -1.53 13.29 -10.72
CA GLY B 343 -1.40 13.70 -12.15
C GLY B 343 -1.14 15.21 -12.22
N ALA B 344 -1.98 15.99 -11.55
CA ALA B 344 -1.89 17.44 -11.64
C ALA B 344 -0.52 17.91 -11.13
N ALA B 345 -0.03 17.28 -10.06
CA ALA B 345 1.27 17.71 -9.53
C ALA B 345 2.41 17.38 -10.45
N VAL B 346 2.38 16.18 -11.01
CA VAL B 346 3.35 15.75 -11.97
C VAL B 346 3.33 16.76 -13.16
N LYS B 347 2.13 17.11 -13.65
CA LYS B 347 2.04 18.13 -14.70
C LYS B 347 2.61 19.50 -14.32
N ALA B 348 2.24 19.97 -13.12
CA ALA B 348 2.79 21.22 -12.61
C ALA B 348 4.30 21.23 -12.64
N LEU B 349 4.91 20.13 -12.23
CA LEU B 349 6.37 20.08 -12.18
C LEU B 349 6.92 20.04 -13.61
N ALA B 350 6.21 19.38 -14.54
CA ALA B 350 6.73 19.29 -15.91
C ALA B 350 6.72 20.67 -16.58
N LYS B 351 5.69 21.47 -16.29
CA LYS B 351 5.59 22.81 -16.84
C LYS B 351 6.66 23.71 -16.29
N LYS B 352 6.93 23.60 -14.99
CA LYS B 352 8.00 24.41 -14.44
C LYS B 352 9.36 23.98 -14.97
N ALA B 353 9.55 22.68 -15.11
CA ALA B 353 10.76 22.13 -15.68
C ALA B 353 11.01 22.71 -17.10
N ALA B 354 9.94 22.84 -17.89
CA ALA B 354 10.05 23.25 -19.29
C ALA B 354 10.32 24.73 -19.40
N GLU B 355 9.86 25.53 -18.44
CA GLU B 355 10.16 26.97 -18.37
C GLU B 355 11.63 27.32 -18.05
N GLY B 356 12.40 26.43 -17.45
CA GLY B 356 13.83 26.68 -17.22
C GLY B 356 14.15 27.17 -15.82
N ASP B 357 13.12 27.32 -14.99
CA ASP B 357 13.35 27.83 -13.65
C ASP B 357 14.01 26.85 -12.67
N LEU B 358 13.83 25.56 -12.86
CA LEU B 358 14.27 24.64 -11.83
C LEU B 358 15.76 24.26 -11.94
N GLU B 359 16.48 24.25 -10.81
CA GLU B 359 17.83 23.61 -10.75
C GLU B 359 17.64 22.15 -11.12
N PRO B 360 18.51 21.55 -11.97
CA PRO B 360 18.40 20.11 -12.22
C PRO B 360 18.71 19.34 -10.97
N GLY B 361 18.17 18.12 -10.85
CA GLY B 361 18.33 17.37 -9.61
C GLY B 361 17.02 16.60 -9.39
N ASP B 362 16.86 16.12 -8.16
CA ASP B 362 15.76 15.29 -7.75
C ASP B 362 14.60 16.07 -7.19
N TYR B 363 13.43 15.77 -7.71
CA TYR B 363 12.23 16.42 -7.27
C TYR B 363 11.27 15.36 -6.77
N VAL B 364 10.58 15.61 -5.67
CA VAL B 364 9.69 14.65 -5.10
C VAL B 364 8.31 15.13 -5.35
N VAL B 365 7.48 14.32 -6.00
CA VAL B 365 6.08 14.68 -6.19
C VAL B 365 5.26 13.87 -5.15
N VAL B 366 4.44 14.58 -4.37
CA VAL B 366 3.55 13.88 -3.42
C VAL B 366 2.30 13.44 -4.14
N VAL B 367 2.15 12.15 -4.21
CA VAL B 367 1.00 11.53 -4.85
C VAL B 367 -0.01 11.20 -3.74
N PRO B 368 -1.10 11.99 -3.68
CA PRO B 368 -2.06 11.86 -2.57
C PRO B 368 -2.86 10.53 -2.45
N ASP B 369 -3.19 9.90 -3.56
N ASP B 369 -3.07 9.89 -3.59
CA ASP B 369 -3.91 8.63 -3.49
CA ASP B 369 -4.10 8.87 -3.73
C ASP B 369 -3.82 7.89 -4.82
C ASP B 369 -3.77 7.89 -4.84
N THR B 370 -4.50 6.76 -4.91
CA THR B 370 -4.33 5.86 -6.03
C THR B 370 -5.41 6.15 -7.09
N GLY B 371 -5.02 6.08 -8.36
CA GLY B 371 -5.94 6.17 -9.47
C GLY B 371 -7.01 5.10 -9.59
N PHE B 372 -6.83 3.99 -8.87
CA PHE B 372 -7.84 2.91 -8.85
C PHE B 372 -9.21 3.39 -8.29
N LYS B 373 -9.21 4.55 -7.60
CA LYS B 373 -10.41 5.14 -7.00
C LYS B 373 -11.21 6.06 -7.97
N TYR B 374 -10.68 6.28 -9.16
CA TYR B 374 -11.17 7.33 -10.08
C TYR B 374 -11.52 6.77 -11.48
N LEU B 375 -12.32 5.71 -11.52
CA LEU B 375 -12.44 4.98 -12.78
C LEU B 375 -13.14 5.79 -13.85
N SER B 376 -14.10 6.66 -13.50
CA SER B 376 -14.77 7.36 -14.61
C SER B 376 -13.93 8.44 -15.24
N LEU B 377 -12.97 8.99 -14.49
CA LEU B 377 -12.04 9.98 -15.03
C LEU B 377 -10.97 9.31 -15.84
N VAL B 378 -10.61 8.09 -15.48
CA VAL B 378 -9.71 7.30 -16.30
C VAL B 378 -10.32 7.02 -17.70
N GLN B 379 -11.56 6.55 -17.68
CA GLN B 379 -12.28 6.32 -18.93
C GLN B 379 -12.35 7.57 -19.79
N ASN B 380 -12.70 8.71 -19.22
CA ASN B 380 -12.66 9.93 -20.03
C ASN B 380 -11.25 10.24 -20.55
N ALA B 381 -10.24 10.02 -19.72
CA ALA B 381 -8.87 10.30 -20.09
C ALA B 381 -8.38 9.47 -21.26
N LEU B 382 -8.75 8.18 -21.34
CA LEU B 382 -8.26 7.33 -22.45
C LEU B 382 -8.55 7.80 -23.90
N GLU B 383 -9.73 8.40 -24.13
CA GLU B 383 -9.99 9.16 -25.40
C GLU B 383 -8.83 10.03 -25.91
N GLY B 384 -8.35 10.95 -25.05
CA GLY B 384 -7.24 11.83 -25.41
C GLY B 384 -6.02 11.04 -25.87
#